data_7FTC
#
_entry.id   7FTC
#
_cell.length_a   80.205
_cell.length_b   49.200
_cell.length_c   114.858
_cell.angle_alpha   90.000
_cell.angle_beta   95.240
_cell.angle_gamma   90.000
#
_symmetry.space_group_name_H-M   'P 1 21 1'
#
loop_
_entity.id
_entity.type
_entity.pdbx_description
1 polymer Syntenin-1
2 non-polymer 1,2-ETHANEDIOL
3 non-polymer 'D-GLUTAMIC ACID'
4 non-polymer 6-bromo-7-hydroxy-2,2-dimethyl-2H,4H-1,3-benzodioxin-4-one
5 non-polymer GLYCINE
6 non-polymer 'SULFATE ION'
7 non-polymer ALANINE
8 water water
#
_entity_poly.entity_id   1
_entity_poly.type   'polypeptide(L)'
_entity_poly.pdbx_seq_one_letter_code
;SMAEIKQGIREVILCKDQDGKIGLRLKSIDNGIFVQLVQANSPASLVGLRFGDQVLQINGENCAGWSSDKAHKVLKQAFG
EKITMTIRDRPFERTITMHKDSTGHVGFIFKNGKITSIVKDSSAARNGLLTEHNICEINGQNVIGLKDSQIADILSTSGT
VVTITIMPAFIFEHIIKRMAPSIMKSLMDHTIPEV
;
_entity_poly.pdbx_strand_id   A,B,C,D
#
# COMPACT_ATOMS: atom_id res chain seq x y z
N ILE A 5 -0.75 27.51 7.43
CA ILE A 5 0.06 26.33 6.98
C ILE A 5 1.53 26.81 6.93
N LYS A 6 2.40 26.38 7.86
CA LYS A 6 3.86 26.72 7.85
C LYS A 6 4.52 26.02 6.65
N GLN A 7 5.45 26.68 5.94
CA GLN A 7 6.02 26.17 4.66
C GLN A 7 7.36 25.46 4.90
N GLY A 8 7.28 24.44 5.73
CA GLY A 8 8.14 23.26 5.65
C GLY A 8 8.03 22.45 6.93
N ILE A 9 9.21 22.14 7.42
CA ILE A 9 9.53 21.00 8.29
C ILE A 9 9.92 21.57 9.64
N ARG A 10 9.34 21.07 10.73
CA ARG A 10 9.74 21.48 12.10
C ARG A 10 9.97 20.20 12.88
N GLU A 11 10.83 20.30 13.89
CA GLU A 11 11.12 19.23 14.89
C GLU A 11 10.12 19.44 16.03
N VAL A 12 9.54 18.35 16.56
CA VAL A 12 8.76 18.42 17.83
C VAL A 12 9.32 17.33 18.73
N ILE A 13 9.44 17.66 20.02
CA ILE A 13 9.98 16.73 21.04
C ILE A 13 8.78 16.40 21.90
N LEU A 14 8.51 15.11 22.06
CA LEU A 14 7.25 14.59 22.65
C LEU A 14 7.58 13.73 23.86
N CYS A 15 6.73 13.78 24.88
CA CYS A 15 6.96 13.12 26.20
C CYS A 15 5.72 12.28 26.52
N LYS A 16 5.77 10.95 26.43
CA LYS A 16 4.62 10.08 26.83
C LYS A 16 4.09 10.48 28.21
N ASP A 17 2.77 10.51 28.40
CA ASP A 17 2.15 10.92 29.69
C ASP A 17 2.30 9.75 30.66
N GLN A 18 1.74 9.91 31.88
CA GLN A 18 1.77 8.90 32.99
C GLN A 18 1.37 7.53 32.45
N ASP A 19 0.36 7.51 31.56
CA ASP A 19 -0.26 6.25 31.06
C ASP A 19 0.51 5.67 29.86
N GLY A 20 1.60 6.31 29.41
CA GLY A 20 2.38 5.87 28.24
C GLY A 20 1.70 6.21 26.91
N LYS A 21 0.76 7.16 26.94
CA LYS A 21 -0.03 7.64 25.78
C LYS A 21 0.62 8.92 25.23
N ILE A 22 0.49 9.16 23.94
CA ILE A 22 0.93 10.46 23.33
C ILE A 22 -0.29 11.16 22.75
N GLY A 23 -1.33 10.41 22.40
CA GLY A 23 -2.63 10.97 22.00
C GLY A 23 -2.70 11.16 20.49
N LEU A 24 -2.21 10.19 19.75
CA LEU A 24 -2.03 10.24 18.29
C LEU A 24 -2.51 8.92 17.69
N ARG A 25 -3.28 9.00 16.62
CA ARG A 25 -3.41 7.90 15.61
C ARG A 25 -2.88 8.44 14.27
N LEU A 26 -2.20 7.56 13.52
CA LEU A 26 -1.45 7.82 12.27
C LEU A 26 -2.06 6.98 11.14
N LYS A 27 -2.04 7.50 9.92
CA LYS A 27 -2.59 6.80 8.73
C LYS A 27 -1.55 6.86 7.59
N SER A 28 -1.28 5.74 6.95
CA SER A 28 -0.44 5.62 5.72
C SER A 28 -1.23 6.20 4.55
N ILE A 29 -0.68 7.23 3.90
CA ILE A 29 -1.30 7.86 2.68
C ILE A 29 -0.18 8.03 1.64
N ASP A 30 -0.34 7.46 0.43
CA ASP A 30 0.64 7.66 -0.67
C ASP A 30 2.07 7.50 -0.12
N ASN A 31 2.32 6.45 0.66
CA ASN A 31 3.64 6.02 1.20
C ASN A 31 4.25 7.05 2.16
N GLY A 32 3.44 7.99 2.66
CA GLY A 32 3.81 8.84 3.80
C GLY A 32 3.06 8.45 5.05
N ILE A 33 3.32 9.12 6.17
CA ILE A 33 2.49 8.91 7.40
C ILE A 33 1.89 10.23 7.85
N PHE A 34 0.59 10.23 8.08
CA PHE A 34 -0.21 11.41 8.42
C PHE A 34 -1.01 11.23 9.73
N VAL A 35 -1.25 12.37 10.36
CA VAL A 35 -1.99 12.48 11.64
C VAL A 35 -3.48 12.37 11.30
N GLN A 36 -4.11 11.27 11.74
CA GLN A 36 -5.56 11.04 11.62
C GLN A 36 -6.31 11.63 12.83
N LEU A 37 -5.73 11.60 14.04
CA LEU A 37 -6.42 12.01 15.29
C LEU A 37 -5.43 12.55 16.29
N VAL A 38 -5.74 13.70 16.88
CA VAL A 38 -5.03 14.21 18.06
C VAL A 38 -6.05 14.27 19.21
N GLN A 39 -5.72 13.64 20.32
CA GLN A 39 -6.55 13.60 21.56
C GLN A 39 -6.35 14.89 22.34
N ALA A 40 -7.43 15.52 22.84
CA ALA A 40 -7.35 16.66 23.81
C ALA A 40 -6.51 16.24 25.02
N ASN A 41 -5.76 17.17 25.60
CA ASN A 41 -5.01 16.99 26.88
C ASN A 41 -4.01 15.87 26.72
N SER A 42 -3.41 15.77 25.56
CA SER A 42 -2.34 14.78 25.31
C SER A 42 -1.02 15.52 25.06
N PRO A 43 0.09 14.78 25.11
CA PRO A 43 1.38 15.30 24.69
C PRO A 43 1.35 15.81 23.23
N ALA A 44 0.61 15.12 22.37
CA ALA A 44 0.55 15.48 20.94
C ALA A 44 -0.14 16.84 20.78
N SER A 45 -1.27 17.06 21.44
CA SER A 45 -1.94 18.39 21.41
C SER A 45 -1.03 19.46 22.00
N LEU A 46 -0.36 19.18 23.13
CA LEU A 46 0.49 20.20 23.80
C LEU A 46 1.64 20.61 22.87
N VAL A 47 2.29 19.68 22.20
CA VAL A 47 3.42 20.12 21.33
C VAL A 47 2.84 20.73 20.05
N GLY A 48 1.53 20.61 19.81
CA GLY A 48 0.90 21.31 18.68
C GLY A 48 0.79 20.46 17.43
N LEU A 49 0.81 19.13 17.51
CA LEU A 49 0.50 18.27 16.34
C LEU A 49 -0.97 18.50 15.96
N ARG A 50 -1.25 18.46 14.66
CA ARG A 50 -2.56 18.83 14.05
C ARG A 50 -2.98 17.72 13.10
N PHE A 51 -4.28 17.52 12.99
CA PHE A 51 -4.85 16.65 11.94
C PHE A 51 -4.22 17.04 10.56
N GLY A 52 -3.85 16.06 9.76
CA GLY A 52 -3.34 16.28 8.41
C GLY A 52 -1.85 16.52 8.39
N ASP A 53 -1.18 16.63 9.55
CA ASP A 53 0.29 16.82 9.58
C ASP A 53 0.94 15.52 9.06
N GLN A 54 2.06 15.66 8.37
CA GLN A 54 2.88 14.54 7.93
C GLN A 54 4.00 14.30 8.93
N VAL A 55 4.24 13.05 9.28
CA VAL A 55 5.40 12.62 10.08
C VAL A 55 6.46 12.07 9.13
N LEU A 56 7.57 12.78 9.01
CA LEU A 56 8.71 12.44 8.11
C LEU A 56 9.59 11.44 8.83
N GLN A 57 9.90 11.78 10.08
CA GLN A 57 10.70 10.92 10.97
C GLN A 57 10.10 10.84 12.36
N ILE A 58 10.50 9.75 13.01
CA ILE A 58 10.21 9.36 14.42
C ILE A 58 11.55 8.88 14.94
N ASN A 59 12.14 9.61 15.89
CA ASN A 59 13.46 9.27 16.47
C ASN A 59 14.50 9.17 15.35
N GLY A 60 14.38 9.96 14.28
CA GLY A 60 15.40 10.07 13.23
C GLY A 60 15.28 8.96 12.19
N GLU A 61 14.38 8.01 12.36
CA GLU A 61 13.99 7.00 11.34
C GLU A 61 12.95 7.61 10.37
N ASN A 62 13.13 7.38 9.08
CA ASN A 62 12.21 7.79 8.00
C ASN A 62 10.92 6.97 8.02
N CYS A 63 9.76 7.61 7.91
CA CYS A 63 8.46 6.88 7.96
C CYS A 63 8.02 6.40 6.58
N ALA A 64 8.70 6.77 5.49
CA ALA A 64 8.27 6.48 4.11
C ALA A 64 7.94 5.00 3.94
N GLY A 65 6.77 4.69 3.42
CA GLY A 65 6.29 3.31 3.17
C GLY A 65 5.85 2.54 4.40
N TRP A 66 5.90 3.09 5.61
CA TRP A 66 5.39 2.37 6.81
C TRP A 66 3.87 2.14 6.72
N SER A 67 3.38 0.99 7.17
CA SER A 67 1.93 0.79 7.44
C SER A 67 1.55 1.70 8.62
N SER A 68 0.29 2.06 8.71
CA SER A 68 -0.36 2.56 9.96
C SER A 68 0.01 1.63 11.14
N ASP A 69 -0.14 0.31 11.01
CA ASP A 69 0.23 -0.64 12.09
C ASP A 69 1.69 -0.42 12.52
N LYS A 70 2.63 -0.29 11.59
CA LYS A 70 4.07 -0.21 11.98
C LYS A 70 4.38 1.13 12.67
N ALA A 71 3.81 2.24 12.22
CA ALA A 71 4.06 3.54 12.89
C ALA A 71 3.55 3.49 14.33
N HIS A 72 2.34 2.94 14.57
CA HIS A 72 1.75 2.70 15.93
C HIS A 72 2.70 1.82 16.78
N LYS A 73 3.23 0.76 16.17
CA LYS A 73 4.21 -0.16 16.81
C LYS A 73 5.48 0.63 17.16
N VAL A 74 6.14 1.31 16.21
CA VAL A 74 7.36 2.10 16.57
C VAL A 74 7.04 2.97 17.77
N LEU A 75 5.90 3.65 17.78
CA LEU A 75 5.60 4.66 18.82
C LEU A 75 5.58 4.04 20.23
N LYS A 76 4.99 2.84 20.33
CA LYS A 76 4.91 2.05 21.58
C LYS A 76 6.33 1.67 22.04
N GLN A 77 7.13 1.11 21.15
CA GLN A 77 8.51 0.65 21.48
C GLN A 77 9.50 1.79 21.79
N ALA A 78 9.18 3.07 21.56
CA ALA A 78 10.11 4.20 21.87
C ALA A 78 10.40 4.24 23.38
N PHE A 79 11.61 4.68 23.79
CA PHE A 79 12.10 4.74 25.21
C PHE A 79 11.55 5.99 25.93
N GLY A 80 10.27 6.33 25.69
CA GLY A 80 9.40 7.15 26.56
C GLY A 80 9.91 8.55 26.78
N GLU A 81 10.84 8.70 27.73
CA GLU A 81 11.55 9.95 28.12
C GLU A 81 11.50 11.00 26.98
N LYS A 82 11.83 10.66 25.73
CA LYS A 82 11.98 11.68 24.65
C LYS A 82 11.79 11.01 23.28
N ILE A 83 10.66 11.32 22.62
CA ILE A 83 10.37 10.98 21.20
C ILE A 83 10.52 12.26 20.35
N THR A 84 11.49 12.28 19.43
CA THR A 84 11.62 13.38 18.43
C THR A 84 10.78 13.01 17.21
N MET A 85 10.10 13.99 16.62
CA MET A 85 9.40 13.79 15.33
C MET A 85 9.78 14.92 14.38
N THR A 86 9.92 14.60 13.10
CA THR A 86 10.04 15.63 12.04
C THR A 86 8.70 15.71 11.31
N ILE A 87 8.13 16.91 11.27
CA ILE A 87 6.72 17.19 10.88
C ILE A 87 6.77 18.12 9.68
N ARG A 88 5.95 17.84 8.67
CA ARG A 88 5.62 18.81 7.60
C ARG A 88 4.18 19.28 7.84
N ASP A 89 3.97 20.58 7.91
CA ASP A 89 2.68 21.15 8.36
C ASP A 89 1.56 20.92 7.32
N ARG A 90 0.50 20.19 7.71
CA ARG A 90 -0.77 20.01 6.99
C ARG A 90 -0.58 20.14 5.48
N PRO A 91 0.22 19.26 4.85
CA PRO A 91 0.54 19.40 3.45
C PRO A 91 -0.63 19.30 2.49
N PHE A 92 -1.66 18.54 2.82
CA PHE A 92 -2.87 18.37 1.98
C PHE A 92 -3.83 19.54 2.17
N GLU A 93 -3.57 20.51 3.05
CA GLU A 93 -4.61 21.53 3.32
C GLU A 93 -4.17 22.92 2.88
N ARG A 94 -5.12 23.82 2.68
CA ARG A 94 -4.86 25.24 2.40
C ARG A 94 -5.76 26.03 3.35
N THR A 95 -5.43 27.29 3.56
CA THR A 95 -6.19 28.26 4.38
C THR A 95 -6.71 29.38 3.51
N ILE A 96 -7.98 29.71 3.66
CA ILE A 96 -8.65 30.84 2.96
C ILE A 96 -9.09 31.84 4.02
N THR A 97 -8.85 33.13 3.81
CA THR A 97 -9.31 34.24 4.66
C THR A 97 -10.54 34.85 3.96
N MET A 98 -11.68 34.93 4.66
CA MET A 98 -12.94 35.54 4.19
C MET A 98 -13.44 36.58 5.20
N HIS A 99 -14.35 37.47 4.77
CA HIS A 99 -14.90 38.60 5.55
C HIS A 99 -16.42 38.44 5.53
N LYS A 100 -17.11 38.37 6.68
CA LYS A 100 -18.60 38.26 6.68
C LYS A 100 -19.14 39.53 6.03
N ASP A 101 -20.25 39.43 5.32
CA ASP A 101 -20.99 40.63 4.87
C ASP A 101 -21.73 41.18 6.09
N SER A 102 -22.57 42.21 5.96
CA SER A 102 -23.31 42.85 7.09
C SER A 102 -24.38 41.92 7.68
N THR A 103 -24.82 40.90 6.92
CA THR A 103 -25.78 39.87 7.36
C THR A 103 -25.07 38.68 8.03
N GLY A 104 -23.77 38.83 8.36
CA GLY A 104 -22.99 37.77 9.03
C GLY A 104 -22.66 36.57 8.12
N HIS A 105 -22.59 36.72 6.79
CA HIS A 105 -22.40 35.57 5.86
C HIS A 105 -21.00 35.58 5.21
N VAL A 106 -20.32 34.43 5.11
CA VAL A 106 -19.07 34.29 4.27
C VAL A 106 -19.43 33.87 2.84
N GLY A 107 -20.49 33.08 2.67
CA GLY A 107 -21.14 32.81 1.39
C GLY A 107 -20.89 31.39 0.91
N PHE A 108 -21.13 30.35 1.74
CA PHE A 108 -21.13 28.94 1.26
C PHE A 108 -22.18 28.10 2.00
N ILE A 109 -22.44 26.94 1.41
CA ILE A 109 -23.27 25.86 1.99
C ILE A 109 -22.36 24.65 2.14
N PHE A 110 -22.58 23.93 3.24
CA PHE A 110 -21.85 22.70 3.59
C PHE A 110 -22.82 21.69 4.23
N LYS A 111 -22.41 20.42 4.12
CA LYS A 111 -23.17 19.23 4.55
C LYS A 111 -22.15 18.19 4.98
N ASN A 112 -22.17 17.80 6.27
CA ASN A 112 -21.22 16.86 6.93
C ASN A 112 -19.81 17.41 6.84
N GLY A 113 -19.64 18.71 7.06
CA GLY A 113 -18.32 19.37 7.01
C GLY A 113 -17.75 19.58 5.60
N LYS A 114 -18.45 19.15 4.55
CA LYS A 114 -18.08 19.31 3.11
C LYS A 114 -18.78 20.50 2.45
N ILE A 115 -18.01 21.42 1.89
CA ILE A 115 -18.52 22.61 1.17
C ILE A 115 -19.19 22.11 -0.11
N THR A 116 -20.41 22.52 -0.43
CA THR A 116 -21.18 21.93 -1.56
C THR A 116 -21.65 23.00 -2.52
N SER A 117 -21.65 24.26 -2.12
CA SER A 117 -21.87 25.35 -3.10
C SER A 117 -21.31 26.64 -2.55
N ILE A 118 -20.93 27.51 -3.49
CA ILE A 118 -20.35 28.86 -3.23
C ILE A 118 -21.42 29.84 -3.72
N VAL A 119 -21.80 30.80 -2.89
CA VAL A 119 -22.93 31.72 -3.19
C VAL A 119 -22.40 32.90 -3.99
N LYS A 120 -23.09 33.27 -5.06
CA LYS A 120 -22.67 34.36 -5.96
C LYS A 120 -22.42 35.60 -5.12
N ASP A 121 -21.42 36.40 -5.51
CA ASP A 121 -21.15 37.78 -4.98
C ASP A 121 -20.72 37.75 -3.50
N SER A 122 -20.36 36.59 -2.94
CA SER A 122 -19.84 36.47 -1.56
C SER A 122 -18.31 36.59 -1.49
N SER A 123 -17.85 36.75 -0.25
CA SER A 123 -16.41 36.72 0.12
C SER A 123 -15.79 35.36 -0.23
N ALA A 124 -16.54 34.29 -0.06
CA ALA A 124 -16.12 32.92 -0.45
C ALA A 124 -15.90 32.83 -1.98
N ALA A 125 -16.81 33.38 -2.77
CA ALA A 125 -16.69 33.57 -4.23
C ALA A 125 -15.43 34.38 -4.53
N ARG A 126 -15.30 35.58 -3.93
CA ARG A 126 -14.15 36.50 -4.19
C ARG A 126 -12.83 35.84 -3.84
N ASN A 127 -12.80 34.91 -2.88
CA ASN A 127 -11.56 34.29 -2.32
C ASN A 127 -11.34 32.90 -2.95
N GLY A 128 -12.22 32.49 -3.85
CA GLY A 128 -12.04 31.22 -4.56
C GLY A 128 -12.18 30.00 -3.69
N LEU A 129 -13.10 30.03 -2.72
CA LEU A 129 -13.42 28.81 -1.98
C LEU A 129 -13.92 27.76 -2.95
N LEU A 130 -13.55 26.52 -2.73
CA LEU A 130 -13.93 25.39 -3.61
C LEU A 130 -14.95 24.49 -2.93
N THR A 131 -15.83 23.88 -3.70
CA THR A 131 -16.64 22.76 -3.19
C THR A 131 -15.85 21.45 -3.18
N GLU A 132 -16.51 20.40 -2.72
CA GLU A 132 -15.90 19.07 -2.59
C GLU A 132 -14.64 19.18 -1.71
N HIS A 133 -14.62 20.12 -0.77
CA HIS A 133 -13.52 20.31 0.21
C HIS A 133 -14.12 20.13 1.63
N ASN A 134 -13.47 19.38 2.50
CA ASN A 134 -13.90 19.22 3.91
C ASN A 134 -13.28 20.35 4.73
N ILE A 135 -14.06 20.94 5.62
CA ILE A 135 -13.57 21.95 6.61
C ILE A 135 -12.78 21.20 7.65
N CYS A 136 -11.49 21.52 7.79
CA CYS A 136 -10.62 20.94 8.83
C CYS A 136 -10.57 21.83 10.08
N GLU A 137 -10.50 23.14 9.90
CA GLU A 137 -10.21 24.11 10.96
C GLU A 137 -10.93 25.41 10.63
N ILE A 138 -11.37 26.12 11.67
CA ILE A 138 -11.95 27.49 11.59
C ILE A 138 -11.15 28.33 12.58
N ASN A 139 -10.46 29.35 12.09
CA ASN A 139 -9.68 30.26 12.96
C ASN A 139 -8.71 29.45 13.81
N GLY A 140 -8.08 28.44 13.24
CA GLY A 140 -7.03 27.64 13.92
C GLY A 140 -7.61 26.52 14.77
N GLN A 141 -8.93 26.42 14.86
CA GLN A 141 -9.61 25.44 15.73
C GLN A 141 -10.09 24.23 14.94
N ASN A 142 -9.70 23.04 15.35
CA ASN A 142 -10.11 21.82 14.64
C ASN A 142 -11.60 21.58 14.87
N VAL A 143 -12.41 21.47 13.81
CA VAL A 143 -13.88 21.34 13.86
C VAL A 143 -14.28 20.01 13.25
N ILE A 144 -13.33 19.11 13.10
CA ILE A 144 -13.63 17.83 12.40
C ILE A 144 -14.47 16.91 13.27
N GLY A 145 -15.66 16.54 12.78
CA GLY A 145 -16.51 15.58 13.50
C GLY A 145 -17.52 16.29 14.40
N LEU A 146 -17.41 17.62 14.54
CA LEU A 146 -18.48 18.44 15.12
C LEU A 146 -19.68 18.34 14.19
N LYS A 147 -20.89 18.40 14.74
CA LYS A 147 -22.14 18.45 13.95
C LYS A 147 -22.09 19.67 13.04
N ASP A 148 -22.93 19.74 12.02
CA ASP A 148 -22.93 20.93 11.14
C ASP A 148 -23.32 22.17 11.96
N SER A 149 -24.18 22.03 12.98
CA SER A 149 -24.77 23.19 13.69
C SER A 149 -23.69 23.85 14.55
N GLN A 150 -22.79 23.05 15.10
CA GLN A 150 -21.66 23.54 15.93
C GLN A 150 -20.61 24.26 15.05
N ILE A 151 -20.49 23.86 13.81
CA ILE A 151 -19.60 24.56 12.83
C ILE A 151 -20.25 25.92 12.51
N ALA A 152 -21.54 25.94 12.19
CA ALA A 152 -22.31 27.18 11.95
C ALA A 152 -22.15 28.11 13.14
N ASP A 153 -22.30 27.54 14.35
CA ASP A 153 -22.14 28.26 15.64
C ASP A 153 -20.76 28.91 15.72
N ILE A 154 -19.68 28.15 15.51
CA ILE A 154 -18.28 28.69 15.55
C ILE A 154 -18.13 29.81 14.50
N LEU A 155 -18.90 29.76 13.41
CA LEU A 155 -18.77 30.74 12.31
C LEU A 155 -19.52 32.02 12.69
N SER A 156 -20.72 31.88 13.23
CA SER A 156 -21.53 32.94 13.93
C SER A 156 -20.70 33.79 14.89
N THR A 157 -19.86 33.16 15.70
CA THR A 157 -19.28 33.76 16.93
C THR A 157 -17.83 34.14 16.64
N SER A 158 -17.39 33.89 15.42
CA SER A 158 -16.14 34.47 14.86
C SER A 158 -16.35 35.98 14.65
N GLY A 159 -15.30 36.77 14.75
CA GLY A 159 -15.29 38.14 14.19
C GLY A 159 -15.60 38.15 12.71
N THR A 160 -15.50 39.28 12.03
CA THR A 160 -15.95 39.41 10.63
C THR A 160 -14.92 38.70 9.74
N VAL A 161 -13.63 38.75 10.09
CA VAL A 161 -12.53 37.95 9.47
C VAL A 161 -12.68 36.48 9.89
N VAL A 162 -12.70 35.58 8.91
CA VAL A 162 -12.88 34.11 9.12
C VAL A 162 -11.81 33.41 8.27
N THR A 163 -10.87 32.77 8.94
CA THR A 163 -9.89 31.84 8.34
C THR A 163 -10.41 30.42 8.40
N ILE A 164 -10.47 29.74 7.25
CA ILE A 164 -10.91 28.32 7.13
C ILE A 164 -9.80 27.50 6.43
N THR A 165 -9.39 26.42 7.07
CA THR A 165 -8.43 25.44 6.57
C THR A 165 -9.22 24.29 5.99
N ILE A 166 -9.05 24.05 4.68
CA ILE A 166 -9.80 23.04 3.91
C ILE A 166 -8.87 21.99 3.30
N MET A 167 -9.45 20.85 2.96
CA MET A 167 -8.77 19.65 2.43
C MET A 167 -9.69 19.06 1.37
N PRO A 168 -9.13 18.68 0.19
CA PRO A 168 -9.90 17.95 -0.83
C PRO A 168 -10.58 16.71 -0.26
N ALA A 169 -11.84 16.53 -0.57
CA ALA A 169 -12.69 15.55 0.13
C ALA A 169 -12.19 14.13 -0.10
N PHE A 170 -11.67 13.83 -1.29
N PHE A 170 -11.64 13.82 -1.28
CA PHE A 170 -11.12 12.48 -1.62
CA PHE A 170 -11.13 12.47 -1.61
C PHE A 170 -9.96 12.16 -0.65
C PHE A 170 -9.92 12.15 -0.72
N ILE A 171 -9.17 13.20 -0.30
CA ILE A 171 -7.99 12.99 0.58
C ILE A 171 -8.52 12.82 2.01
N PHE A 172 -9.38 13.74 2.44
CA PHE A 172 -10.08 13.72 3.75
C PHE A 172 -10.69 12.33 3.98
N GLU A 173 -11.52 11.88 3.03
CA GLU A 173 -12.23 10.59 3.10
C GLU A 173 -11.20 9.47 3.21
N HIS A 174 -10.03 9.58 2.57
CA HIS A 174 -8.99 8.54 2.67
C HIS A 174 -8.35 8.55 4.07
N ILE A 175 -8.21 9.69 4.72
CA ILE A 175 -7.44 9.79 6.00
C ILE A 175 -8.26 9.23 7.17
N ILE A 176 -9.58 9.47 7.21
CA ILE A 176 -10.50 9.19 8.34
C ILE A 176 -11.13 7.80 8.27
N LYS A 177 -11.14 7.12 7.11
CA LYS A 177 -11.54 5.69 7.03
C LYS A 177 -10.90 4.92 8.20
N ARG A 178 -11.72 4.17 8.97
CA ARG A 178 -11.32 3.23 10.06
C ARG A 178 -11.10 3.98 11.39
N MET A 179 -11.73 5.15 11.51
CA MET A 179 -11.91 5.91 12.77
C MET A 179 -13.40 6.24 12.91
N ALA A 180 -14.12 5.52 13.80
CA ALA A 180 -15.60 5.55 13.96
C ALA A 180 -16.09 6.99 14.10
N PRO A 181 -17.19 7.40 13.40
CA PRO A 181 -17.60 8.81 13.36
C PRO A 181 -17.87 9.46 14.74
N SER A 182 -18.06 8.64 15.78
CA SER A 182 -18.28 9.07 17.18
C SER A 182 -16.95 9.42 17.86
N ILE A 183 -15.87 8.68 17.55
CA ILE A 183 -14.50 8.97 18.09
C ILE A 183 -14.11 10.37 17.58
N MET A 184 -14.37 10.67 16.30
CA MET A 184 -14.09 11.98 15.64
C MET A 184 -14.78 13.07 16.45
N LYS A 185 -16.12 13.01 16.51
CA LYS A 185 -17.02 13.82 17.39
C LYS A 185 -16.45 13.94 18.82
N SER A 186 -16.05 12.83 19.42
CA SER A 186 -15.84 12.69 20.87
C SER A 186 -14.39 12.96 21.28
N LEU A 187 -13.41 12.51 20.49
CA LEU A 187 -12.01 12.37 20.97
C LEU A 187 -10.98 13.21 20.19
N MET A 188 -11.28 13.73 18.98
CA MET A 188 -10.48 14.74 18.25
C MET A 188 -10.44 16.07 19.04
N ASP A 189 -9.23 16.54 19.29
CA ASP A 189 -9.01 17.81 20.03
C ASP A 189 -9.67 18.94 19.25
N HIS A 190 -10.75 19.49 19.78
CA HIS A 190 -11.48 20.65 19.22
C HIS A 190 -11.15 21.93 19.97
N THR A 191 -10.11 21.97 20.79
CA THR A 191 -9.84 23.17 21.64
C THR A 191 -8.90 24.13 20.92
N ILE A 192 -8.90 25.36 21.38
CA ILE A 192 -7.95 26.44 21.04
C ILE A 192 -6.65 26.05 21.72
N PRO A 193 -5.48 26.11 21.06
CA PRO A 193 -4.22 25.76 21.72
C PRO A 193 -3.94 26.65 22.94
N GLU A 194 -3.22 26.07 23.89
CA GLU A 194 -2.77 26.75 25.13
C GLU A 194 -1.52 27.56 24.77
N VAL A 195 -1.27 28.70 25.44
CA VAL A 195 0.06 29.37 25.44
C VAL A 195 0.67 29.30 26.85
N ALA B 3 -2.52 -24.75 29.06
CA ALA B 3 -2.00 -23.63 29.92
C ALA B 3 -2.82 -23.53 31.22
N GLU B 4 -2.13 -23.68 32.35
CA GLU B 4 -2.66 -23.53 33.74
C GLU B 4 -3.48 -22.24 33.86
N ILE B 5 -4.72 -22.32 34.37
CA ILE B 5 -5.59 -21.15 34.64
C ILE B 5 -4.99 -20.34 35.80
N LYS B 6 -4.47 -19.14 35.50
CA LYS B 6 -3.91 -18.19 36.52
C LYS B 6 -5.08 -17.66 37.37
N GLN B 7 -4.84 -17.43 38.66
CA GLN B 7 -5.88 -16.94 39.61
C GLN B 7 -5.67 -15.43 39.80
N GLY B 8 -6.74 -14.73 40.21
CA GLY B 8 -6.74 -13.27 40.25
C GLY B 8 -6.67 -12.68 38.84
N ILE B 9 -6.11 -11.48 38.76
CA ILE B 9 -6.44 -10.48 37.71
C ILE B 9 -5.18 -10.07 36.98
N ARG B 10 -5.24 -9.72 35.70
CA ARG B 10 -4.13 -8.96 35.05
C ARG B 10 -4.68 -7.83 34.18
N GLU B 11 -3.86 -6.80 33.99
CA GLU B 11 -4.08 -5.66 33.07
C GLU B 11 -3.48 -6.08 31.73
N VAL B 12 -4.24 -6.04 30.63
CA VAL B 12 -3.67 -6.20 29.26
C VAL B 12 -3.90 -4.86 28.54
N ILE B 13 -3.03 -4.56 27.57
CA ILE B 13 -3.00 -3.24 26.88
C ILE B 13 -3.11 -3.51 25.38
N LEU B 14 -4.15 -3.01 24.76
CA LEU B 14 -4.45 -3.24 23.32
C LEU B 14 -4.36 -1.93 22.58
N CYS B 15 -3.91 -2.02 21.33
CA CYS B 15 -4.07 -1.03 20.25
C CYS B 15 -5.42 -1.38 19.58
N LYS B 16 -5.93 -0.52 18.72
CA LYS B 16 -6.83 -0.93 17.61
C LYS B 16 -5.94 -1.06 16.37
N ASP B 17 -6.30 -1.91 15.42
CA ASP B 17 -5.49 -2.07 14.19
C ASP B 17 -5.94 -0.98 13.21
N GLN B 18 -5.26 -0.88 12.05
CA GLN B 18 -5.48 0.21 11.07
C GLN B 18 -6.95 0.14 10.61
N ASP B 19 -7.60 -1.01 10.74
CA ASP B 19 -9.07 -1.09 10.47
C ASP B 19 -9.93 -0.68 11.69
N GLY B 20 -9.37 -0.26 12.84
CA GLY B 20 -10.18 0.21 14.01
C GLY B 20 -10.79 -0.94 14.82
N LYS B 21 -10.27 -2.15 14.61
CA LYS B 21 -10.77 -3.42 15.20
C LYS B 21 -9.77 -3.95 16.21
N ILE B 22 -10.29 -4.76 17.13
CA ILE B 22 -9.53 -5.28 18.30
C ILE B 22 -9.49 -6.80 18.16
N GLY B 23 -10.48 -7.36 17.47
CA GLY B 23 -10.67 -8.80 17.27
C GLY B 23 -11.44 -9.49 18.41
N LEU B 24 -12.38 -8.84 19.10
CA LEU B 24 -13.11 -9.47 20.23
C LEU B 24 -14.60 -9.46 19.95
N ARG B 25 -15.29 -10.52 20.36
CA ARG B 25 -16.75 -10.44 20.65
C ARG B 25 -16.91 -10.71 22.15
N LEU B 26 -17.74 -9.91 22.82
CA LEU B 26 -17.98 -9.92 24.27
C LEU B 26 -19.41 -10.32 24.46
N LYS B 27 -19.71 -11.03 25.56
CA LYS B 27 -21.06 -11.52 25.90
C LYS B 27 -21.33 -11.31 27.40
N SER B 28 -22.48 -10.73 27.71
CA SER B 28 -23.03 -10.61 29.09
C SER B 28 -23.35 -12.02 29.63
N ILE B 29 -22.66 -12.44 30.71
CA ILE B 29 -22.99 -13.68 31.47
C ILE B 29 -23.06 -13.37 33.00
N ASP B 30 -24.21 -13.64 33.61
CA ASP B 30 -24.41 -13.51 35.08
C ASP B 30 -23.90 -12.13 35.52
N ASN B 31 -24.13 -11.07 34.74
CA ASN B 31 -23.74 -9.68 35.05
C ASN B 31 -22.23 -9.47 35.04
N GLY B 32 -21.50 -10.38 34.40
CA GLY B 32 -20.14 -10.16 33.94
C GLY B 32 -20.11 -10.04 32.43
N ILE B 33 -18.95 -9.66 31.92
CA ILE B 33 -18.68 -9.62 30.46
C ILE B 33 -17.59 -10.65 30.18
N PHE B 34 -17.85 -11.53 29.23
CA PHE B 34 -16.88 -12.58 28.84
C PHE B 34 -16.58 -12.52 27.33
N VAL B 35 -15.42 -13.02 26.98
CA VAL B 35 -14.95 -13.13 25.56
C VAL B 35 -15.65 -14.35 24.95
N GLN B 36 -16.53 -14.15 23.97
CA GLN B 36 -17.12 -15.27 23.18
C GLN B 36 -16.28 -15.54 21.91
N LEU B 37 -15.43 -14.60 21.50
CA LEU B 37 -14.58 -14.78 20.28
C LEU B 37 -13.36 -13.88 20.36
N VAL B 38 -12.20 -14.47 20.10
CA VAL B 38 -10.94 -13.78 19.73
C VAL B 38 -10.60 -14.13 18.25
N GLN B 39 -10.26 -13.15 17.42
CA GLN B 39 -9.87 -13.34 15.98
C GLN B 39 -8.38 -13.64 15.87
N ALA B 40 -7.93 -14.65 15.12
CA ALA B 40 -6.47 -14.84 14.87
C ALA B 40 -5.96 -13.55 14.23
N ASN B 41 -4.70 -13.18 14.53
CA ASN B 41 -4.01 -12.02 13.91
C ASN B 41 -4.83 -10.76 14.14
N SER B 42 -5.21 -10.55 15.38
CA SER B 42 -5.89 -9.33 15.84
C SER B 42 -5.05 -8.83 16.98
N PRO B 43 -5.20 -7.55 17.38
CA PRO B 43 -4.50 -7.07 18.56
C PRO B 43 -4.91 -7.98 19.73
N ALA B 44 -6.16 -8.49 19.76
CA ALA B 44 -6.64 -9.34 20.89
C ALA B 44 -5.89 -10.68 20.92
N SER B 45 -5.74 -11.42 19.81
CA SER B 45 -4.87 -12.63 19.76
C SER B 45 -3.44 -12.25 20.13
N LEU B 46 -2.90 -11.14 19.62
CA LEU B 46 -1.48 -10.79 19.90
C LEU B 46 -1.26 -10.55 21.40
N VAL B 47 -2.13 -9.84 22.12
CA VAL B 47 -1.91 -9.62 23.58
C VAL B 47 -2.34 -10.87 24.35
N GLY B 48 -2.86 -11.88 23.66
CA GLY B 48 -3.13 -13.17 24.32
C GLY B 48 -4.41 -13.14 25.15
N LEU B 49 -5.45 -12.42 24.71
CA LEU B 49 -6.81 -12.63 25.29
C LEU B 49 -7.35 -13.99 24.81
N ARG B 50 -8.28 -14.60 25.54
CA ARG B 50 -8.71 -15.98 25.24
C ARG B 50 -10.24 -16.11 25.37
N PHE B 51 -10.81 -17.02 24.60
CA PHE B 51 -12.21 -17.40 24.80
C PHE B 51 -12.37 -17.66 26.31
N GLY B 52 -13.40 -17.14 26.95
CA GLY B 52 -13.74 -17.50 28.33
C GLY B 52 -13.14 -16.48 29.30
N ASP B 53 -12.19 -15.64 28.87
CA ASP B 53 -11.70 -14.53 29.72
C ASP B 53 -12.90 -13.68 30.16
N GLN B 54 -12.85 -13.25 31.42
CA GLN B 54 -13.80 -12.27 31.98
C GLN B 54 -13.15 -10.92 31.86
N VAL B 55 -13.89 -9.94 31.38
CA VAL B 55 -13.39 -8.55 31.40
C VAL B 55 -14.06 -7.84 32.57
N LEU B 56 -13.27 -7.40 33.55
CA LEU B 56 -13.68 -6.66 34.77
C LEU B 56 -13.84 -5.20 34.43
N GLN B 57 -12.82 -4.62 33.81
CA GLN B 57 -12.84 -3.22 33.38
C GLN B 57 -12.30 -3.03 31.97
N ILE B 58 -12.79 -1.99 31.30
CA ILE B 58 -12.20 -1.41 30.07
C ILE B 58 -11.86 0.02 30.36
N ASN B 59 -10.60 0.41 30.18
CA ASN B 59 -10.22 1.82 30.41
C ASN B 59 -10.68 2.25 31.81
N GLY B 60 -10.73 1.33 32.78
CA GLY B 60 -10.99 1.67 34.19
C GLY B 60 -12.47 1.83 34.51
N GLU B 61 -13.39 1.62 33.56
CA GLU B 61 -14.82 1.50 33.85
C GLU B 61 -15.13 0.02 34.16
N ASN B 62 -15.96 -0.24 35.16
CA ASN B 62 -16.39 -1.62 35.51
C ASN B 62 -17.41 -2.14 34.50
N CYS B 63 -17.24 -3.37 34.09
CA CYS B 63 -18.14 -4.04 33.10
C CYS B 63 -19.39 -4.60 33.75
N ALA B 64 -19.37 -4.75 35.09
CA ALA B 64 -20.49 -5.26 35.90
C ALA B 64 -21.80 -4.65 35.43
N GLY B 65 -22.78 -5.51 35.10
CA GLY B 65 -24.14 -5.14 34.65
C GLY B 65 -24.20 -4.82 33.15
N TRP B 66 -23.10 -4.65 32.46
CA TRP B 66 -23.18 -4.19 31.04
C TRP B 66 -23.83 -5.26 30.18
N SER B 67 -24.71 -4.87 29.27
CA SER B 67 -25.17 -5.76 28.17
C SER B 67 -24.02 -5.96 27.17
N SER B 68 -24.12 -7.00 26.35
CA SER B 68 -23.18 -7.27 25.23
C SER B 68 -23.14 -6.05 24.32
N ASP B 69 -24.28 -5.39 24.12
CA ASP B 69 -24.37 -4.19 23.24
C ASP B 69 -23.63 -3.04 23.90
N LYS B 70 -23.82 -2.77 25.19
CA LYS B 70 -23.06 -1.65 25.83
C LYS B 70 -21.55 -1.90 25.71
N ALA B 71 -21.06 -3.12 25.89
CA ALA B 71 -19.61 -3.39 25.90
C ALA B 71 -18.99 -3.22 24.49
N HIS B 72 -19.62 -3.82 23.49
CA HIS B 72 -19.30 -3.63 22.05
C HIS B 72 -19.27 -2.14 21.69
N LYS B 73 -20.29 -1.40 22.13
CA LYS B 73 -20.35 0.07 21.95
C LYS B 73 -19.09 0.68 22.55
N VAL B 74 -18.79 0.37 23.81
CA VAL B 74 -17.63 1.00 24.50
C VAL B 74 -16.35 0.71 23.68
N LEU B 75 -16.23 -0.48 23.11
CA LEU B 75 -15.03 -0.82 22.31
C LEU B 75 -15.06 -0.05 20.96
N LYS B 76 -16.21 0.01 20.32
CA LYS B 76 -16.41 0.84 19.11
C LYS B 76 -15.86 2.25 19.40
N GLN B 77 -16.12 2.81 20.60
CA GLN B 77 -15.99 4.27 20.89
C GLN B 77 -14.62 4.59 21.49
N ALA B 78 -13.81 3.58 21.78
CA ALA B 78 -12.49 3.75 22.41
C ALA B 78 -11.46 4.33 21.42
N PHE B 79 -10.76 5.40 21.77
CA PHE B 79 -9.50 5.79 21.11
C PHE B 79 -8.59 4.55 21.00
N GLY B 80 -7.93 4.35 19.87
CA GLY B 80 -7.35 3.03 19.58
C GLY B 80 -5.94 2.93 20.07
N GLU B 81 -5.39 4.00 20.61
CA GLU B 81 -3.96 3.99 21.00
C GLU B 81 -3.70 2.99 22.14
N LYS B 82 -4.37 3.15 23.27
CA LYS B 82 -4.16 2.29 24.46
C LYS B 82 -5.53 2.02 25.11
N ILE B 83 -5.98 0.81 24.95
CA ILE B 83 -7.20 0.29 25.57
C ILE B 83 -6.66 -0.60 26.69
N THR B 84 -7.01 -0.25 27.93
CA THR B 84 -6.66 -1.09 29.11
C THR B 84 -7.87 -1.96 29.44
N MET B 85 -7.57 -3.23 29.59
CA MET B 85 -8.52 -4.20 30.13
C MET B 85 -7.90 -4.88 31.36
N THR B 86 -8.68 -4.93 32.43
CA THR B 86 -8.44 -5.82 33.58
C THR B 86 -9.19 -7.12 33.34
N ILE B 87 -8.45 -8.22 33.36
CA ILE B 87 -8.95 -9.55 32.92
C ILE B 87 -8.85 -10.50 34.10
N ARG B 88 -9.84 -11.38 34.27
CA ARG B 88 -9.71 -12.61 35.07
C ARG B 88 -9.61 -13.75 34.06
N ASP B 89 -8.61 -14.59 34.20
CA ASP B 89 -8.27 -15.68 33.26
C ASP B 89 -9.32 -16.80 33.29
N ARG B 90 -10.08 -16.96 32.21
CA ARG B 90 -10.92 -18.14 31.89
C ARG B 90 -11.61 -18.72 33.14
N PRO B 91 -12.38 -17.93 33.91
CA PRO B 91 -12.93 -18.34 35.20
C PRO B 91 -13.88 -19.54 35.20
N PHE B 92 -14.57 -19.80 34.10
CA PHE B 92 -15.50 -20.94 33.97
C PHE B 92 -14.78 -22.19 33.50
N GLU B 93 -13.47 -22.13 33.31
CA GLU B 93 -12.70 -23.26 32.75
C GLU B 93 -11.70 -23.74 33.77
N ARG B 94 -11.26 -24.98 33.59
CA ARG B 94 -10.20 -25.68 34.36
C ARG B 94 -9.35 -26.46 33.36
N THR B 95 -8.10 -26.76 33.68
CA THR B 95 -7.31 -27.64 32.79
C THR B 95 -6.91 -28.89 33.53
N ILE B 96 -6.97 -30.01 32.82
CA ILE B 96 -6.64 -31.38 33.28
C ILE B 96 -5.43 -31.80 32.46
N THR B 97 -4.40 -32.39 33.10
CA THR B 97 -3.22 -32.94 32.38
C THR B 97 -3.31 -34.46 32.36
N MET B 98 -3.15 -35.04 31.18
CA MET B 98 -3.25 -36.49 30.95
C MET B 98 -2.02 -36.99 30.18
N HIS B 99 -1.70 -38.28 30.31
CA HIS B 99 -0.56 -38.97 29.64
C HIS B 99 -1.12 -40.02 28.68
N LYS B 100 -0.81 -39.89 27.39
CA LYS B 100 -1.26 -40.87 26.36
C LYS B 100 -0.75 -42.23 26.82
N ASP B 101 -1.53 -43.28 26.69
CA ASP B 101 -1.03 -44.64 26.96
C ASP B 101 -0.22 -45.08 25.72
N SER B 102 0.17 -46.36 25.68
CA SER B 102 1.01 -46.97 24.61
C SER B 102 0.22 -47.04 23.30
N THR B 103 -1.12 -46.97 23.36
CA THR B 103 -1.99 -46.93 22.15
C THR B 103 -2.18 -45.48 21.70
N GLY B 104 -1.68 -44.50 22.44
CA GLY B 104 -1.79 -43.09 22.03
C GLY B 104 -3.11 -42.44 22.43
N HIS B 105 -3.87 -43.06 23.36
CA HIS B 105 -5.17 -42.56 23.92
C HIS B 105 -5.01 -42.00 25.32
N VAL B 106 -5.88 -41.06 25.69
CA VAL B 106 -5.96 -40.47 27.07
C VAL B 106 -7.20 -40.99 27.79
N GLY B 107 -8.27 -41.38 27.07
CA GLY B 107 -9.34 -42.24 27.59
C GLY B 107 -10.68 -41.53 27.70
N PHE B 108 -11.12 -40.82 26.66
CA PHE B 108 -12.52 -40.32 26.61
C PHE B 108 -13.09 -40.43 25.20
N ILE B 109 -14.41 -40.32 25.17
CA ILE B 109 -15.22 -40.20 23.95
C ILE B 109 -15.82 -38.81 23.98
N PHE B 110 -15.88 -38.15 22.82
CA PHE B 110 -16.54 -36.83 22.71
C PHE B 110 -17.31 -36.79 21.39
N LYS B 111 -18.27 -35.88 21.34
CA LYS B 111 -19.12 -35.59 20.18
C LYS B 111 -19.42 -34.09 20.19
N ASN B 112 -19.33 -33.43 19.04
CA ASN B 112 -19.49 -31.96 18.87
C ASN B 112 -18.65 -31.26 19.95
N GLY B 113 -17.44 -31.73 20.18
CA GLY B 113 -16.49 -31.07 21.10
C GLY B 113 -16.89 -31.26 22.56
N LYS B 114 -17.86 -32.11 22.85
CA LYS B 114 -18.35 -32.35 24.22
C LYS B 114 -18.03 -33.78 24.67
N ILE B 115 -17.29 -33.88 25.77
CA ILE B 115 -16.92 -35.18 26.43
C ILE B 115 -18.18 -35.87 26.87
N THR B 116 -18.35 -37.13 26.47
CA THR B 116 -19.60 -37.87 26.75
C THR B 116 -19.30 -39.13 27.56
N SER B 117 -18.08 -39.60 27.58
CA SER B 117 -17.78 -40.88 28.25
C SER B 117 -16.30 -40.87 28.63
N ILE B 118 -15.98 -41.36 29.82
CA ILE B 118 -14.61 -41.48 30.38
C ILE B 118 -14.27 -42.96 30.29
N VAL B 119 -13.18 -43.34 29.63
CA VAL B 119 -12.78 -44.78 29.51
C VAL B 119 -12.23 -45.22 30.87
N LYS B 120 -12.78 -46.31 31.38
CA LYS B 120 -12.29 -47.13 32.51
C LYS B 120 -10.75 -47.23 32.53
N ASP B 121 -10.09 -46.85 33.63
CA ASP B 121 -8.63 -47.05 33.88
C ASP B 121 -7.76 -46.31 32.86
N SER B 122 -8.21 -45.17 32.40
CA SER B 122 -7.47 -44.27 31.49
C SER B 122 -6.79 -43.15 32.29
N SER B 123 -5.86 -42.46 31.65
CA SER B 123 -5.31 -41.18 32.14
C SER B 123 -6.50 -40.27 32.49
N ALA B 124 -7.52 -40.24 31.62
CA ALA B 124 -8.71 -39.36 31.76
C ALA B 124 -9.43 -39.72 33.07
N ALA B 125 -9.57 -41.01 33.36
CA ALA B 125 -10.18 -41.55 34.59
C ALA B 125 -9.31 -41.20 35.79
N ARG B 126 -8.00 -41.46 35.75
CA ARG B 126 -7.08 -41.19 36.89
C ARG B 126 -7.17 -39.71 37.25
N ASN B 127 -7.25 -38.83 36.24
CA ASN B 127 -7.13 -37.36 36.44
C ASN B 127 -8.50 -36.68 36.59
N GLY B 128 -9.61 -37.44 36.71
CA GLY B 128 -10.96 -36.91 37.02
C GLY B 128 -11.60 -36.08 35.91
N LEU B 129 -11.37 -36.43 34.63
CA LEU B 129 -12.00 -35.72 33.50
C LEU B 129 -13.49 -35.96 33.66
N LEU B 130 -14.31 -34.97 33.35
CA LEU B 130 -15.77 -34.99 33.53
C LEU B 130 -16.46 -35.00 32.16
N THR B 131 -17.60 -35.65 32.10
CA THR B 131 -18.54 -35.57 30.98
C THR B 131 -19.34 -34.29 31.07
N GLU B 132 -20.11 -34.02 30.02
CA GLU B 132 -20.99 -32.85 29.89
C GLU B 132 -20.15 -31.58 30.02
N HIS B 133 -18.91 -31.64 29.56
CA HIS B 133 -17.97 -30.50 29.47
C HIS B 133 -17.49 -30.33 28.01
N ASN B 134 -17.46 -29.11 27.52
CA ASN B 134 -16.94 -28.79 26.16
C ASN B 134 -15.45 -28.64 26.25
N ILE B 135 -14.76 -29.21 25.28
CA ILE B 135 -13.30 -29.02 25.09
C ILE B 135 -13.08 -27.62 24.56
N CYS B 136 -12.40 -26.76 25.31
CA CYS B 136 -12.08 -25.37 24.87
C CYS B 136 -10.67 -25.33 24.27
N GLU B 137 -9.69 -25.93 24.93
CA GLU B 137 -8.30 -25.80 24.45
C GLU B 137 -7.68 -27.18 24.57
N ILE B 138 -6.79 -27.53 23.63
CA ILE B 138 -5.82 -28.65 23.80
C ILE B 138 -4.42 -28.06 23.84
N ASN B 139 -3.68 -28.36 24.90
CA ASN B 139 -2.32 -27.83 25.09
C ASN B 139 -2.32 -26.32 24.94
N GLY B 140 -3.41 -25.64 25.34
CA GLY B 140 -3.48 -24.17 25.32
C GLY B 140 -3.94 -23.63 23.98
N GLN B 141 -4.13 -24.50 23.00
CA GLN B 141 -4.65 -24.13 21.68
C GLN B 141 -6.18 -24.21 21.67
N ASN B 142 -6.84 -23.12 21.38
CA ASN B 142 -8.31 -23.04 21.21
C ASN B 142 -8.72 -23.95 20.05
N VAL B 143 -9.66 -24.87 20.29
CA VAL B 143 -10.24 -25.77 19.26
C VAL B 143 -11.74 -25.53 19.14
N ILE B 144 -12.21 -24.34 19.50
CA ILE B 144 -13.66 -24.03 19.45
C ILE B 144 -14.06 -23.73 18.02
N GLY B 145 -15.08 -24.43 17.55
CA GLY B 145 -15.54 -24.33 16.17
C GLY B 145 -14.88 -25.36 15.27
N LEU B 146 -13.84 -26.09 15.70
CA LEU B 146 -13.19 -27.16 14.91
C LEU B 146 -14.10 -28.38 14.89
N LYS B 147 -13.89 -29.26 13.91
CA LYS B 147 -14.65 -30.54 13.81
C LYS B 147 -13.96 -31.59 14.68
N ASP B 148 -14.72 -32.60 15.06
CA ASP B 148 -14.26 -33.71 15.91
C ASP B 148 -13.00 -34.31 15.30
N SER B 149 -12.97 -34.45 13.98
CA SER B 149 -11.79 -35.03 13.28
C SER B 149 -10.60 -34.11 13.57
N GLN B 150 -10.79 -32.80 13.42
CA GLN B 150 -9.72 -31.78 13.64
C GLN B 150 -9.26 -31.85 15.11
N ILE B 151 -10.20 -31.96 16.05
CA ILE B 151 -9.82 -32.02 17.50
C ILE B 151 -9.07 -33.34 17.71
N ALA B 152 -9.59 -34.44 17.16
CA ALA B 152 -8.94 -35.79 17.23
C ALA B 152 -7.51 -35.72 16.66
N ASP B 153 -7.31 -35.09 15.51
CA ASP B 153 -5.95 -34.93 14.90
C ASP B 153 -5.01 -34.16 15.83
N ILE B 154 -5.49 -33.07 16.44
CA ILE B 154 -4.65 -32.22 17.35
C ILE B 154 -4.20 -33.05 18.55
N LEU B 155 -5.10 -33.89 19.10
CA LEU B 155 -4.81 -34.82 20.20
C LEU B 155 -3.77 -35.80 19.72
N SER B 156 -3.96 -36.33 18.53
CA SER B 156 -3.05 -37.35 17.92
C SER B 156 -1.68 -36.71 17.64
N THR B 157 -1.59 -35.42 17.30
CA THR B 157 -0.26 -34.81 16.97
C THR B 157 0.36 -34.27 18.25
N SER B 158 -0.39 -34.28 19.35
CA SER B 158 0.13 -33.77 20.65
C SER B 158 1.29 -34.68 21.05
N GLY B 159 2.15 -34.24 21.95
CA GLY B 159 3.07 -35.16 22.65
C GLY B 159 2.32 -36.15 23.53
N THR B 160 3.03 -36.95 24.31
CA THR B 160 2.49 -37.85 25.34
C THR B 160 1.70 -37.05 26.38
N VAL B 161 2.14 -35.83 26.60
CA VAL B 161 1.61 -34.99 27.71
C VAL B 161 0.58 -34.07 27.08
N VAL B 162 -0.69 -34.28 27.40
CA VAL B 162 -1.85 -33.56 26.83
C VAL B 162 -2.59 -32.83 27.97
N THR B 163 -2.66 -31.51 27.89
CA THR B 163 -3.55 -30.70 28.76
C THR B 163 -4.81 -30.42 27.97
N ILE B 164 -5.96 -30.53 28.63
CA ILE B 164 -7.28 -30.14 28.06
C ILE B 164 -7.91 -29.09 29.01
N THR B 165 -8.40 -28.01 28.43
CA THR B 165 -9.13 -26.94 29.12
C THR B 165 -10.61 -27.18 28.82
N ILE B 166 -11.42 -27.40 29.87
CA ILE B 166 -12.83 -27.83 29.71
C ILE B 166 -13.72 -26.78 30.38
N MET B 167 -14.97 -26.72 29.95
CA MET B 167 -15.97 -25.77 30.45
C MET B 167 -17.26 -26.54 30.56
N PRO B 168 -18.03 -26.43 31.70
CA PRO B 168 -19.33 -27.08 31.77
C PRO B 168 -20.21 -26.70 30.56
N ALA B 169 -20.92 -27.68 30.01
CA ALA B 169 -21.61 -27.56 28.71
C ALA B 169 -22.65 -26.47 28.78
N PHE B 170 -23.40 -26.40 29.90
N PHE B 170 -23.45 -26.42 29.85
CA PHE B 170 -24.51 -25.44 30.12
CA PHE B 170 -24.52 -25.40 30.01
C PHE B 170 -23.92 -24.01 29.97
C PHE B 170 -23.87 -24.01 29.85
N ILE B 171 -22.70 -23.81 30.49
CA ILE B 171 -22.04 -22.46 30.41
C ILE B 171 -21.50 -22.26 28.99
N PHE B 172 -20.91 -23.28 28.38
CA PHE B 172 -20.39 -23.14 26.99
C PHE B 172 -21.55 -22.73 26.08
N GLU B 173 -22.65 -23.48 26.13
CA GLU B 173 -23.83 -23.19 25.29
C GLU B 173 -24.31 -21.72 25.53
N HIS B 174 -24.20 -21.18 26.73
CA HIS B 174 -24.65 -19.80 27.03
C HIS B 174 -23.68 -18.80 26.39
N ILE B 175 -22.39 -19.02 26.52
CA ILE B 175 -21.36 -18.04 26.10
C ILE B 175 -21.37 -17.87 24.54
N ILE B 176 -21.69 -18.91 23.77
CA ILE B 176 -21.64 -18.86 22.27
C ILE B 176 -22.97 -18.34 21.71
N LYS B 177 -24.00 -18.21 22.54
CA LYS B 177 -25.28 -17.56 22.15
C LYS B 177 -25.06 -16.15 21.58
N ARG B 178 -25.90 -15.75 20.61
CA ARG B 178 -25.86 -14.45 19.91
C ARG B 178 -24.63 -14.36 19.01
N MET B 179 -24.15 -15.48 18.46
CA MET B 179 -22.96 -15.51 17.59
C MET B 179 -23.23 -16.56 16.53
N ALA B 180 -23.10 -16.18 15.25
CA ALA B 180 -23.39 -17.07 14.11
C ALA B 180 -22.36 -18.21 14.11
N PRO B 181 -22.81 -19.47 14.26
CA PRO B 181 -21.94 -20.63 14.15
C PRO B 181 -20.80 -20.53 13.12
N SER B 182 -21.06 -19.82 12.01
CA SER B 182 -20.17 -19.76 10.82
C SER B 182 -19.12 -18.68 11.06
N ILE B 183 -19.45 -17.61 11.80
CA ILE B 183 -18.46 -16.64 12.39
C ILE B 183 -17.51 -17.41 13.33
N MET B 184 -18.08 -18.14 14.30
CA MET B 184 -17.29 -18.88 15.32
C MET B 184 -16.40 -19.91 14.62
N LYS B 185 -16.86 -20.54 13.54
CA LYS B 185 -16.01 -21.52 12.81
C LYS B 185 -14.93 -20.80 11.98
N SER B 186 -15.23 -19.66 11.38
CA SER B 186 -14.33 -19.07 10.37
C SER B 186 -13.38 -18.07 11.03
N LEU B 187 -13.76 -17.48 12.18
CA LEU B 187 -12.98 -16.36 12.77
C LEU B 187 -12.22 -16.79 14.04
N MET B 188 -12.58 -17.87 14.74
CA MET B 188 -11.97 -18.18 16.07
C MET B 188 -10.45 -18.33 15.90
N ASP B 189 -9.71 -17.62 16.75
CA ASP B 189 -8.26 -17.83 16.95
C ASP B 189 -7.95 -19.30 17.29
N HIS B 190 -7.00 -19.92 16.58
CA HIS B 190 -6.58 -21.33 16.76
C HIS B 190 -5.06 -21.39 16.79
N THR B 191 -4.40 -20.26 17.05
CA THR B 191 -2.93 -20.12 17.19
C THR B 191 -2.36 -21.09 18.21
N ILE B 192 -1.13 -21.50 18.02
CA ILE B 192 -0.43 -22.35 19.01
C ILE B 192 0.24 -21.38 19.96
N PRO B 193 0.11 -21.58 21.29
CA PRO B 193 0.80 -20.74 22.27
C PRO B 193 2.27 -20.57 21.92
N GLU B 194 2.75 -19.34 22.02
CA GLU B 194 4.17 -18.95 21.88
C GLU B 194 4.76 -18.66 23.24
N VAL B 195 6.08 -18.75 23.35
CA VAL B 195 6.83 -18.21 24.51
C VAL B 195 7.60 -16.99 24.04
N ALA C 3 9.88 28.30 -8.57
CA ALA C 3 9.22 27.04 -8.10
C ALA C 3 8.31 27.34 -6.89
N GLU C 4 8.86 27.89 -5.79
CA GLU C 4 8.23 27.96 -4.44
C GLU C 4 6.84 28.65 -4.55
N ILE C 5 5.77 27.95 -4.12
CA ILE C 5 4.35 28.41 -4.28
C ILE C 5 4.13 29.62 -3.36
N LYS C 6 3.96 30.81 -3.96
CA LYS C 6 3.67 32.10 -3.27
C LYS C 6 2.20 32.07 -2.85
N GLN C 7 1.91 32.35 -1.58
CA GLN C 7 0.57 32.27 -0.95
C GLN C 7 -0.18 33.60 -1.19
N GLY C 8 -1.48 33.63 -0.91
CA GLY C 8 -2.33 34.73 -1.33
C GLY C 8 -2.41 34.86 -2.86
N ILE C 9 -2.96 36.01 -3.22
CA ILE C 9 -3.60 36.37 -4.50
C ILE C 9 -2.75 37.47 -5.16
N ARG C 10 -2.57 37.43 -6.47
CA ARG C 10 -1.90 38.54 -7.19
C ARG C 10 -2.76 38.89 -8.42
N GLU C 11 -2.70 40.16 -8.84
CA GLU C 11 -3.32 40.63 -10.09
C GLU C 11 -2.34 40.48 -11.27
N VAL C 12 -2.80 40.04 -12.43
CA VAL C 12 -1.98 40.11 -13.68
C VAL C 12 -2.80 40.82 -14.74
N ILE C 13 -2.10 41.58 -15.58
CA ILE C 13 -2.63 42.43 -16.68
C ILE C 13 -2.08 41.84 -17.98
N LEU C 14 -2.96 41.57 -18.95
CA LEU C 14 -2.67 40.77 -20.16
C LEU C 14 -3.17 41.59 -21.35
N CYS C 15 -2.56 41.41 -22.51
CA CYS C 15 -3.10 41.90 -23.81
C CYS C 15 -3.17 40.71 -24.75
N LYS C 16 -4.22 40.63 -25.54
CA LYS C 16 -4.30 39.63 -26.65
C LYS C 16 -3.13 39.85 -27.63
N ASP C 17 -2.62 38.78 -28.22
CA ASP C 17 -1.51 38.90 -29.19
C ASP C 17 -2.11 39.25 -30.55
N GLN C 18 -1.23 39.42 -31.53
CA GLN C 18 -1.55 39.60 -32.96
C GLN C 18 -2.82 38.82 -33.33
N ASP C 19 -2.87 37.52 -32.99
CA ASP C 19 -3.91 36.56 -33.44
C ASP C 19 -5.17 36.55 -32.52
N GLY C 20 -5.36 37.50 -31.60
CA GLY C 20 -6.54 37.56 -30.71
C GLY C 20 -6.48 36.65 -29.47
N LYS C 21 -5.32 36.03 -29.16
CA LYS C 21 -5.10 34.93 -28.21
C LYS C 21 -4.30 35.43 -27.00
N ILE C 22 -4.52 34.83 -25.83
CA ILE C 22 -3.61 35.01 -24.65
C ILE C 22 -2.84 33.73 -24.38
N GLY C 23 -3.29 32.61 -24.93
CA GLY C 23 -2.57 31.34 -24.87
C GLY C 23 -2.88 30.54 -23.61
N LEU C 24 -4.17 30.40 -23.28
CA LEU C 24 -4.67 29.68 -22.09
C LEU C 24 -5.71 28.63 -22.48
N ARG C 25 -5.68 27.50 -21.77
CA ARG C 25 -6.86 26.63 -21.59
C ARG C 25 -7.18 26.67 -20.09
N LEU C 26 -8.46 26.85 -19.77
CA LEU C 26 -9.01 26.95 -18.40
C LEU C 26 -9.94 25.77 -18.16
N LYS C 27 -10.02 25.26 -16.91
CA LYS C 27 -10.82 24.07 -16.54
C LYS C 27 -11.56 24.35 -15.22
N SER C 28 -12.85 24.07 -15.21
CA SER C 28 -13.73 23.98 -14.00
C SER C 28 -13.25 22.85 -13.12
N ILE C 29 -12.83 23.16 -11.88
CA ILE C 29 -12.56 22.17 -10.82
C ILE C 29 -13.20 22.66 -9.53
N ASP C 30 -14.12 21.88 -8.95
CA ASP C 30 -14.69 22.12 -7.59
C ASP C 30 -15.24 23.53 -7.50
N ASN C 31 -15.92 23.98 -8.56
CA ASN C 31 -16.56 25.32 -8.74
C ASN C 31 -15.53 26.45 -8.69
N GLY C 32 -14.29 26.12 -8.94
CA GLY C 32 -13.31 27.17 -9.31
C GLY C 32 -12.87 27.05 -10.80
N ILE C 33 -11.99 27.94 -11.23
CA ILE C 33 -11.41 27.90 -12.60
C ILE C 33 -9.90 27.80 -12.47
N PHE C 34 -9.34 26.80 -13.14
CA PHE C 34 -7.88 26.54 -13.15
C PHE C 34 -7.31 26.50 -14.57
N VAL C 35 -6.03 26.82 -14.66
CA VAL C 35 -5.17 26.71 -15.88
C VAL C 35 -4.82 25.24 -16.14
N GLN C 36 -5.35 24.64 -17.23
CA GLN C 36 -4.95 23.27 -17.68
C GLN C 36 -3.89 23.36 -18.78
N LEU C 37 -3.69 24.52 -19.37
CA LEU C 37 -2.59 24.71 -20.32
C LEU C 37 -2.25 26.18 -20.48
N VAL C 38 -0.97 26.45 -20.48
CA VAL C 38 -0.36 27.75 -20.87
C VAL C 38 0.53 27.42 -22.07
N GLN C 39 0.38 28.17 -23.16
CA GLN C 39 1.21 27.98 -24.38
C GLN C 39 2.53 28.74 -24.24
N ALA C 40 3.62 28.13 -24.73
CA ALA C 40 4.95 28.80 -24.80
C ALA C 40 4.80 30.13 -25.56
N ASN C 41 5.53 31.16 -25.11
N ASN C 41 5.66 31.10 -25.20
CA ASN C 41 5.75 32.44 -25.85
CA ASN C 41 5.73 32.47 -25.78
C ASN C 41 4.46 33.29 -25.85
C ASN C 41 4.32 32.94 -26.15
N SER C 42 3.39 32.82 -25.19
CA SER C 42 2.08 33.49 -25.22
C SER C 42 2.13 34.65 -24.25
N PRO C 43 1.21 35.62 -24.35
CA PRO C 43 1.09 36.63 -23.31
C PRO C 43 0.85 36.07 -21.89
N ALA C 44 0.15 34.92 -21.80
CA ALA C 44 -0.15 34.21 -20.55
C ALA C 44 1.18 33.72 -19.96
N SER C 45 2.03 33.05 -20.73
CA SER C 45 3.35 32.57 -20.24
C SER C 45 4.17 33.78 -19.82
N LEU C 46 4.25 34.76 -20.70
CA LEU C 46 5.18 35.89 -20.49
C LEU C 46 4.79 36.58 -19.18
N VAL C 47 3.52 36.65 -18.84
CA VAL C 47 3.09 37.44 -17.66
C VAL C 47 3.20 36.58 -16.38
N GLY C 48 3.49 35.28 -16.50
CA GLY C 48 3.82 34.39 -15.37
C GLY C 48 2.73 33.37 -14.99
N LEU C 49 1.63 33.22 -15.76
CA LEU C 49 0.62 32.17 -15.54
C LEU C 49 1.22 30.78 -15.73
N ARG C 50 0.81 29.86 -14.87
CA ARG C 50 1.34 28.49 -14.84
C ARG C 50 0.20 27.50 -14.80
N PHE C 51 0.50 26.30 -15.29
CA PHE C 51 -0.35 25.12 -15.14
C PHE C 51 -0.74 25.06 -13.64
N GLY C 52 -2.02 24.96 -13.35
CA GLY C 52 -2.51 24.69 -11.99
C GLY C 52 -2.94 25.97 -11.29
N ASP C 53 -2.66 27.13 -11.89
CA ASP C 53 -3.01 28.44 -11.27
C ASP C 53 -4.54 28.54 -11.19
N GLN C 54 -5.05 29.17 -10.13
CA GLN C 54 -6.50 29.39 -9.95
C GLN C 54 -6.80 30.80 -10.40
N VAL C 55 -7.82 30.97 -11.22
CA VAL C 55 -8.32 32.30 -11.66
C VAL C 55 -9.58 32.63 -10.84
N LEU C 56 -9.47 33.61 -9.98
CA LEU C 56 -10.55 34.04 -9.03
C LEU C 56 -11.45 35.07 -9.74
N GLN C 57 -10.84 36.03 -10.44
CA GLN C 57 -11.59 37.11 -11.16
C GLN C 57 -11.01 37.23 -12.60
N ILE C 58 -11.87 37.49 -13.55
CA ILE C 58 -11.50 37.98 -14.90
C ILE C 58 -12.17 39.35 -15.04
N ASN C 59 -11.36 40.41 -15.18
CA ASN C 59 -11.84 41.81 -15.34
C ASN C 59 -12.79 42.14 -14.21
N GLY C 60 -12.48 41.69 -13.00
CA GLY C 60 -13.19 42.09 -11.76
C GLY C 60 -14.45 41.30 -11.51
N GLU C 61 -14.77 40.31 -12.33
CA GLU C 61 -15.92 39.39 -12.12
C GLU C 61 -15.40 38.06 -11.61
N ASN C 62 -16.15 37.46 -10.67
CA ASN C 62 -15.77 36.23 -9.95
C ASN C 62 -15.90 35.04 -10.89
N CYS C 63 -14.93 34.13 -10.90
CA CYS C 63 -15.03 32.88 -11.72
C CYS C 63 -15.80 31.76 -11.01
N ALA C 64 -16.14 31.92 -9.71
CA ALA C 64 -16.81 30.86 -8.93
C ALA C 64 -18.01 30.29 -9.72
N GLY C 65 -18.05 28.99 -9.90
CA GLY C 65 -19.19 28.30 -10.51
C GLY C 65 -19.20 28.35 -12.04
N TRP C 66 -18.29 29.10 -12.68
CA TRP C 66 -18.19 29.19 -14.16
C TRP C 66 -17.84 27.81 -14.69
N SER C 67 -18.53 27.39 -15.74
CA SER C 67 -18.10 26.26 -16.60
C SER C 67 -16.86 26.69 -17.36
N SER C 68 -16.11 25.71 -17.82
CA SER C 68 -14.92 25.91 -18.69
C SER C 68 -15.33 26.69 -19.95
N ASP C 69 -16.44 26.28 -20.58
CA ASP C 69 -17.10 26.98 -21.72
C ASP C 69 -17.30 28.46 -21.37
N LYS C 70 -17.85 28.76 -20.22
CA LYS C 70 -18.18 30.15 -19.86
C LYS C 70 -16.89 30.97 -19.69
N ALA C 71 -15.88 30.42 -19.01
CA ALA C 71 -14.58 31.13 -18.85
C ALA C 71 -13.99 31.46 -20.24
N HIS C 72 -14.03 30.50 -21.16
CA HIS C 72 -13.46 30.66 -22.55
C HIS C 72 -14.25 31.73 -23.30
N LYS C 73 -15.58 31.68 -23.20
CA LYS C 73 -16.48 32.65 -23.89
C LYS C 73 -16.22 34.07 -23.36
N VAL C 74 -16.06 34.27 -22.06
CA VAL C 74 -15.76 35.60 -21.45
C VAL C 74 -14.46 36.15 -22.01
N LEU C 75 -13.40 35.35 -22.04
CA LEU C 75 -12.07 35.83 -22.50
C LEU C 75 -12.11 36.07 -24.03
N LYS C 76 -12.58 35.11 -24.82
CA LYS C 76 -12.87 35.26 -26.28
C LYS C 76 -13.54 36.63 -26.52
N GLN C 77 -14.61 36.98 -25.78
CA GLN C 77 -15.37 38.25 -25.91
C GLN C 77 -14.74 39.49 -25.27
N ALA C 78 -13.59 39.36 -24.60
CA ALA C 78 -12.94 40.44 -23.84
C ALA C 78 -12.13 41.32 -24.79
N PHE C 79 -12.54 42.59 -24.92
CA PHE C 79 -11.88 43.64 -25.73
C PHE C 79 -11.92 44.97 -24.99
N GLY C 80 -10.84 45.31 -24.30
CA GLY C 80 -10.55 46.67 -23.80
C GLY C 80 -9.15 47.06 -24.23
N GLU C 81 -8.43 47.81 -23.39
CA GLU C 81 -6.99 48.07 -23.57
C GLU C 81 -6.19 46.93 -22.91
N LYS C 82 -6.79 46.25 -21.92
CA LYS C 82 -6.13 45.18 -21.13
C LYS C 82 -7.17 44.15 -20.67
N ILE C 83 -6.68 42.98 -20.24
CA ILE C 83 -7.49 41.96 -19.51
C ILE C 83 -6.81 41.85 -18.14
N THR C 84 -7.58 41.94 -17.04
CA THR C 84 -7.07 41.70 -15.65
C THR C 84 -7.59 40.34 -15.15
N MET C 85 -6.69 39.58 -14.53
CA MET C 85 -7.02 38.33 -13.83
C MET C 85 -6.44 38.42 -12.43
N THR C 86 -7.24 37.97 -11.48
CA THR C 86 -6.81 37.70 -10.09
C THR C 86 -6.55 36.20 -9.96
N ILE C 87 -5.35 35.89 -9.55
CA ILE C 87 -4.79 34.52 -9.50
C ILE C 87 -4.45 34.14 -8.07
N ARG C 88 -4.69 32.89 -7.70
CA ARG C 88 -3.98 32.25 -6.58
C ARG C 88 -2.99 31.25 -7.16
N ASP C 89 -1.77 31.27 -6.67
CA ASP C 89 -0.62 30.53 -7.18
C ASP C 89 -0.83 29.05 -6.93
N ARG C 90 -0.82 28.25 -7.99
CA ARG C 90 -0.82 26.78 -8.03
C ARG C 90 -1.33 26.12 -6.74
N PRO C 91 -2.60 26.31 -6.32
CA PRO C 91 -3.05 25.94 -4.98
C PRO C 91 -3.12 24.42 -4.70
N PHE C 92 -3.16 23.57 -5.74
CA PHE C 92 -3.24 22.10 -5.54
C PHE C 92 -1.82 21.56 -5.50
N GLU C 93 -0.82 22.42 -5.63
CA GLU C 93 0.56 21.90 -5.80
C GLU C 93 1.40 22.23 -4.58
N ARG C 94 2.51 21.50 -4.40
N ARG C 94 2.50 21.49 -4.37
CA ARG C 94 3.54 21.67 -3.34
CA ARG C 94 3.53 21.76 -3.33
C ARG C 94 4.94 21.46 -3.95
C ARG C 94 4.92 21.45 -3.91
N THR C 95 5.96 22.13 -3.42
CA THR C 95 7.37 21.89 -3.81
C THR C 95 8.08 21.10 -2.71
N ILE C 96 8.90 20.13 -3.10
CA ILE C 96 9.84 19.40 -2.22
C ILE C 96 11.25 19.58 -2.79
N THR C 97 12.17 19.91 -1.91
CA THR C 97 13.61 20.02 -2.18
C THR C 97 14.34 18.79 -1.65
N MET C 98 15.13 18.19 -2.53
CA MET C 98 15.93 16.98 -2.33
C MET C 98 17.38 17.22 -2.79
N HIS C 99 18.32 16.50 -2.17
CA HIS C 99 19.78 16.47 -2.46
C HIS C 99 20.07 15.10 -3.09
N LYS C 100 20.70 15.06 -4.26
CA LYS C 100 21.13 13.78 -4.88
C LYS C 100 22.15 13.10 -3.95
N ASP C 101 22.14 11.78 -3.88
CA ASP C 101 23.13 10.98 -3.13
C ASP C 101 24.41 10.94 -3.96
N SER C 102 25.38 10.09 -3.60
CA SER C 102 26.72 10.01 -4.24
C SER C 102 26.59 9.55 -5.71
N THR C 103 25.58 8.74 -6.03
CA THR C 103 25.31 8.22 -7.39
C THR C 103 24.38 9.17 -8.19
N GLY C 104 24.09 10.38 -7.68
CA GLY C 104 23.32 11.38 -8.45
C GLY C 104 21.85 11.03 -8.59
N HIS C 105 21.28 10.28 -7.64
CA HIS C 105 19.83 9.97 -7.59
C HIS C 105 19.18 10.73 -6.43
N VAL C 106 17.95 11.20 -6.66
CA VAL C 106 17.10 11.90 -5.65
C VAL C 106 16.44 10.89 -4.70
N GLY C 107 16.03 9.74 -5.26
CA GLY C 107 15.48 8.54 -4.60
C GLY C 107 14.02 8.26 -4.96
N PHE C 108 13.58 8.50 -6.21
CA PHE C 108 12.21 8.08 -6.57
C PHE C 108 12.16 7.44 -7.95
N ILE C 109 11.12 6.67 -8.19
CA ILE C 109 10.72 6.02 -9.47
C ILE C 109 9.43 6.69 -9.94
N PHE C 110 9.32 6.98 -11.23
CA PHE C 110 8.05 7.50 -11.80
C PHE C 110 7.69 6.77 -13.09
N LYS C 111 6.43 6.88 -13.48
CA LYS C 111 5.85 6.30 -14.73
C LYS C 111 4.74 7.23 -15.20
N ASN C 112 4.86 7.74 -16.43
CA ASN C 112 3.93 8.78 -17.00
C ASN C 112 3.93 10.01 -16.09
N GLY C 113 5.11 10.38 -15.55
CA GLY C 113 5.33 11.56 -14.68
C GLY C 113 4.68 11.42 -13.31
N LYS C 114 4.22 10.22 -12.96
CA LYS C 114 3.59 9.94 -11.63
C LYS C 114 4.57 9.17 -10.75
N ILE C 115 4.85 9.68 -9.56
CA ILE C 115 5.80 9.02 -8.63
C ILE C 115 5.14 7.71 -8.19
N THR C 116 5.86 6.58 -8.23
CA THR C 116 5.28 5.24 -7.98
C THR C 116 6.08 4.54 -6.89
N SER C 117 7.30 4.97 -6.58
CA SER C 117 7.96 4.50 -5.34
C SER C 117 9.08 5.44 -4.91
N ILE C 118 9.36 5.34 -3.60
CA ILE C 118 10.39 6.09 -2.84
C ILE C 118 11.44 5.08 -2.36
N VAL C 119 12.69 5.38 -2.65
CA VAL C 119 13.85 4.58 -2.20
C VAL C 119 14.04 4.82 -0.70
N LYS C 120 14.17 3.72 0.07
CA LYS C 120 14.54 3.69 1.51
C LYS C 120 15.85 4.46 1.69
N ASP C 121 15.90 5.38 2.67
CA ASP C 121 17.11 6.13 3.13
C ASP C 121 17.63 7.07 2.03
N SER C 122 16.75 7.48 1.09
CA SER C 122 17.00 8.51 0.05
C SER C 122 16.57 9.90 0.58
N SER C 123 17.04 10.97 -0.07
CA SER C 123 16.60 12.37 0.22
C SER C 123 15.10 12.50 -0.04
N ALA C 124 14.58 11.77 -0.99
CA ALA C 124 13.12 11.67 -1.24
C ALA C 124 12.42 11.13 0.05
N ALA C 125 12.83 9.98 0.56
CA ALA C 125 12.34 9.43 1.86
C ALA C 125 12.47 10.51 2.94
N ARG C 126 13.66 11.11 3.17
CA ARG C 126 13.89 12.04 4.31
C ARG C 126 12.97 13.25 4.17
N ASN C 127 12.67 13.69 2.95
CA ASN C 127 11.79 14.87 2.72
C ASN C 127 10.33 14.47 2.48
N GLY C 128 9.95 13.20 2.61
CA GLY C 128 8.53 12.81 2.62
C GLY C 128 7.84 13.08 1.29
N LEU C 129 8.55 12.92 0.18
CA LEU C 129 7.94 12.80 -1.16
C LEU C 129 6.95 11.65 -1.13
N LEU C 130 5.82 11.80 -1.80
CA LEU C 130 4.67 10.86 -1.78
C LEU C 130 4.52 10.18 -3.13
N THR C 131 3.92 8.99 -3.16
CA THR C 131 3.62 8.27 -4.41
C THR C 131 2.26 8.77 -4.86
N GLU C 132 1.78 8.32 -6.00
CA GLU C 132 0.46 8.76 -6.48
C GLU C 132 0.44 10.29 -6.61
N HIS C 133 1.58 10.89 -6.97
CA HIS C 133 1.66 12.35 -7.21
C HIS C 133 2.27 12.60 -8.61
N ASN C 134 1.66 13.45 -9.42
CA ASN C 134 2.22 13.86 -10.74
C ASN C 134 3.28 14.95 -10.57
N ILE C 135 4.43 14.80 -11.22
CA ILE C 135 5.49 15.85 -11.33
C ILE C 135 5.00 16.88 -12.35
N CYS C 136 4.82 18.12 -11.89
CA CYS C 136 4.36 19.29 -12.67
C CYS C 136 5.57 20.14 -13.09
N GLU C 137 6.56 20.28 -12.21
CA GLU C 137 7.73 21.12 -12.50
C GLU C 137 8.98 20.48 -11.88
N ILE C 138 10.14 20.71 -12.53
CA ILE C 138 11.50 20.49 -11.96
C ILE C 138 12.22 21.82 -11.96
N ASN C 139 12.73 22.21 -10.80
CA ASN C 139 13.33 23.53 -10.52
C ASN C 139 12.58 24.60 -11.30
N GLY C 140 11.26 24.64 -11.17
CA GLY C 140 10.47 25.78 -11.70
C GLY C 140 10.06 25.61 -13.14
N GLN C 141 10.51 24.55 -13.82
CA GLN C 141 10.20 24.28 -15.23
C GLN C 141 9.06 23.25 -15.30
N ASN C 142 7.99 23.62 -15.98
CA ASN C 142 6.86 22.73 -16.34
C ASN C 142 7.45 21.57 -17.14
N VAL C 143 7.15 20.33 -16.75
CA VAL C 143 7.57 19.13 -17.52
C VAL C 143 6.31 18.35 -17.92
N ILE C 144 5.18 19.03 -17.95
CA ILE C 144 3.90 18.34 -18.21
C ILE C 144 3.77 18.05 -19.71
N GLY C 145 3.60 16.76 -20.03
CA GLY C 145 3.53 16.22 -21.39
C GLY C 145 4.89 15.76 -21.89
N LEU C 146 6.00 16.01 -21.20
CA LEU C 146 7.30 15.40 -21.59
C LEU C 146 7.29 13.90 -21.32
N LYS C 147 8.06 13.14 -22.10
CA LYS C 147 8.26 11.67 -21.95
C LYS C 147 9.02 11.41 -20.66
N ASP C 148 8.89 10.21 -20.09
CA ASP C 148 9.62 9.85 -18.84
C ASP C 148 11.12 10.06 -19.07
N SER C 149 11.67 9.70 -20.25
CA SER C 149 13.13 9.85 -20.52
C SER C 149 13.51 11.33 -20.56
N GLN C 150 12.64 12.23 -21.00
CA GLN C 150 12.97 13.69 -20.99
C GLN C 150 12.96 14.22 -19.53
N ILE C 151 11.96 13.80 -18.74
CA ILE C 151 11.86 14.24 -17.33
C ILE C 151 13.12 13.75 -16.61
N ALA C 152 13.52 12.51 -16.84
CA ALA C 152 14.70 11.91 -16.17
C ALA C 152 15.99 12.59 -16.65
N ASP C 153 16.04 12.97 -17.93
CA ASP C 153 17.17 13.73 -18.54
C ASP C 153 17.31 15.07 -17.80
N ILE C 154 16.21 15.80 -17.58
CA ILE C 154 16.19 17.08 -16.82
C ILE C 154 16.67 16.85 -15.39
N LEU C 155 16.25 15.76 -14.76
CA LEU C 155 16.68 15.41 -13.39
C LEU C 155 18.20 15.22 -13.42
N SER C 156 18.72 14.40 -14.34
CA SER C 156 20.18 14.15 -14.46
C SER C 156 20.94 15.48 -14.48
N THR C 157 20.48 16.45 -15.27
CA THR C 157 21.21 17.74 -15.53
C THR C 157 20.71 18.86 -14.61
N SER C 158 19.82 18.59 -13.67
CA SER C 158 19.66 19.52 -12.53
C SER C 158 20.92 19.40 -11.67
N GLY C 159 21.18 20.30 -10.77
CA GLY C 159 22.37 20.13 -9.94
C GLY C 159 22.15 19.04 -8.88
N THR C 160 22.86 19.13 -7.77
CA THR C 160 22.71 18.15 -6.67
C THR C 160 21.42 18.48 -5.89
N VAL C 161 21.01 19.74 -5.84
CA VAL C 161 19.74 20.20 -5.18
C VAL C 161 18.60 20.29 -6.23
N VAL C 162 17.56 19.49 -6.08
CA VAL C 162 16.42 19.37 -7.03
C VAL C 162 15.12 19.74 -6.27
N THR C 163 14.33 20.61 -6.84
CA THR C 163 13.01 20.98 -6.32
C THR C 163 11.96 20.46 -7.29
N ILE C 164 11.11 19.55 -6.87
CA ILE C 164 9.96 19.07 -7.68
C ILE C 164 8.67 19.74 -7.20
N THR C 165 7.80 20.11 -8.11
CA THR C 165 6.47 20.66 -7.80
C THR C 165 5.56 19.53 -8.13
N ILE C 166 4.84 18.99 -7.14
CA ILE C 166 3.97 17.80 -7.28
C ILE C 166 2.51 18.14 -7.01
N MET C 167 1.65 17.29 -7.51
CA MET C 167 0.19 17.45 -7.43
C MET C 167 -0.37 16.05 -7.27
N PRO C 168 -1.28 15.83 -6.29
CA PRO C 168 -1.95 14.56 -6.11
C PRO C 168 -2.55 14.12 -7.44
N ALA C 169 -2.31 12.84 -7.80
CA ALA C 169 -2.57 12.29 -9.14
C ALA C 169 -4.03 12.46 -9.54
N PHE C 170 -4.96 12.29 -8.59
N PHE C 170 -4.97 12.27 -8.61
CA PHE C 170 -6.42 12.28 -8.86
CA PHE C 170 -6.42 12.28 -8.92
C PHE C 170 -6.81 13.70 -9.35
C PHE C 170 -6.81 13.70 -9.38
N ILE C 171 -6.17 14.73 -8.73
CA ILE C 171 -6.45 16.14 -9.06
C ILE C 171 -5.84 16.42 -10.45
N PHE C 172 -4.63 15.96 -10.65
CA PHE C 172 -3.90 16.13 -11.93
C PHE C 172 -4.74 15.54 -13.08
N GLU C 173 -5.25 14.32 -12.87
CA GLU C 173 -6.06 13.58 -13.86
C GLU C 173 -7.34 14.37 -14.10
N HIS C 174 -7.88 15.01 -13.10
CA HIS C 174 -9.10 15.83 -13.29
C HIS C 174 -8.74 17.04 -14.15
N ILE C 175 -7.61 17.69 -13.85
CA ILE C 175 -7.32 19.00 -14.49
C ILE C 175 -7.07 18.76 -15.99
N ILE C 176 -6.48 17.62 -16.39
CA ILE C 176 -6.05 17.37 -17.80
C ILE C 176 -7.15 16.68 -18.62
N LYS C 177 -8.27 16.31 -17.97
CA LYS C 177 -9.52 15.88 -18.66
C LYS C 177 -9.96 17.01 -19.60
N ARG C 178 -10.62 16.67 -20.71
CA ARG C 178 -11.12 17.67 -21.70
C ARG C 178 -9.95 18.23 -22.51
N MET C 179 -8.87 17.45 -22.65
CA MET C 179 -7.64 17.88 -23.38
C MET C 179 -6.95 16.63 -23.91
N ALA C 180 -6.67 16.62 -25.22
CA ALA C 180 -6.06 15.48 -25.93
C ALA C 180 -4.62 15.43 -25.52
N PRO C 181 -4.09 14.24 -25.13
CA PRO C 181 -2.66 14.16 -24.78
C PRO C 181 -1.71 14.72 -25.84
N SER C 182 -2.04 14.57 -27.13
CA SER C 182 -1.24 15.10 -28.28
C SER C 182 -1.18 16.64 -28.24
N ILE C 183 -2.29 17.33 -27.91
CA ILE C 183 -2.36 18.83 -27.86
C ILE C 183 -1.60 19.34 -26.62
N MET C 184 -1.79 18.69 -25.47
CA MET C 184 -1.05 19.07 -24.23
C MET C 184 0.44 18.92 -24.49
N LYS C 185 0.88 17.78 -25.01
CA LYS C 185 2.31 17.51 -25.34
C LYS C 185 2.86 18.61 -26.28
N SER C 186 2.12 19.03 -27.31
CA SER C 186 2.68 19.89 -28.39
C SER C 186 2.78 21.35 -27.95
N LEU C 187 1.84 21.82 -27.11
CA LEU C 187 1.61 23.26 -26.85
C LEU C 187 1.99 23.65 -25.41
N MET C 188 2.14 22.70 -24.48
CA MET C 188 2.40 23.08 -23.06
C MET C 188 3.73 23.83 -22.98
N ASP C 189 3.69 25.06 -22.48
CA ASP C 189 4.86 25.86 -22.06
C ASP C 189 5.85 24.97 -21.28
N HIS C 190 7.10 24.86 -21.74
CA HIS C 190 8.24 24.25 -21.01
C HIS C 190 9.39 25.23 -20.96
N THR C 191 9.07 26.53 -21.07
CA THR C 191 10.02 27.66 -21.04
C THR C 191 10.85 27.56 -19.76
N ILE C 192 12.01 28.21 -19.75
CA ILE C 192 12.75 28.65 -18.53
C ILE C 192 12.79 30.16 -18.64
N PRO C 193 11.98 30.88 -17.84
CA PRO C 193 11.80 32.32 -18.07
C PRO C 193 13.11 33.11 -17.82
N GLU C 194 13.77 32.75 -16.72
CA GLU C 194 14.92 33.50 -16.17
C GLU C 194 15.87 32.44 -15.65
N VAL C 195 17.16 32.70 -15.72
CA VAL C 195 18.21 31.77 -15.22
C VAL C 195 19.03 32.58 -14.21
N ILE D 5 26.25 -17.94 -26.01
CA ILE D 5 25.89 -19.09 -26.91
C ILE D 5 27.19 -19.57 -27.56
N LYS D 6 27.61 -20.83 -27.31
CA LYS D 6 28.92 -21.42 -27.69
C LYS D 6 28.78 -22.35 -28.91
N GLN D 7 29.24 -21.92 -30.08
CA GLN D 7 29.21 -22.76 -31.31
C GLN D 7 30.19 -23.93 -31.12
N GLY D 8 30.13 -24.92 -32.01
CA GLY D 8 30.72 -26.22 -31.74
C GLY D 8 30.01 -26.91 -30.59
N ILE D 9 30.58 -28.03 -30.21
CA ILE D 9 29.93 -29.14 -29.48
C ILE D 9 30.71 -29.33 -28.18
N ARG D 10 30.07 -29.70 -27.08
CA ARG D 10 30.78 -30.10 -25.82
C ARG D 10 30.24 -31.44 -25.28
N GLU D 11 31.11 -32.17 -24.57
CA GLU D 11 30.75 -33.35 -23.76
C GLU D 11 30.13 -32.88 -22.45
N VAL D 12 29.02 -33.49 -22.04
CA VAL D 12 28.61 -33.41 -20.62
C VAL D 12 28.59 -34.84 -20.09
N ILE D 13 29.15 -35.01 -18.90
CA ILE D 13 29.17 -36.30 -18.15
C ILE D 13 28.30 -36.11 -16.92
N LEU D 14 27.42 -37.06 -16.66
CA LEU D 14 26.28 -36.89 -15.73
C LEU D 14 26.05 -38.23 -15.00
N CYS D 15 25.37 -38.17 -13.85
CA CYS D 15 25.02 -39.34 -13.01
C CYS D 15 23.58 -39.21 -12.53
N LYS D 16 22.79 -40.27 -12.73
CA LYS D 16 21.37 -40.33 -12.26
C LYS D 16 21.38 -40.10 -10.75
N ASP D 17 20.36 -39.47 -10.18
CA ASP D 17 20.27 -39.32 -8.71
C ASP D 17 19.73 -40.60 -8.06
N GLN D 18 19.37 -40.56 -6.77
CA GLN D 18 18.95 -41.78 -6.02
C GLN D 18 17.60 -42.26 -6.57
N ASP D 19 16.79 -41.43 -7.22
CA ASP D 19 15.52 -41.88 -7.86
C ASP D 19 15.71 -42.40 -9.30
N GLY D 20 16.96 -42.46 -9.78
CA GLY D 20 17.33 -42.77 -11.19
C GLY D 20 16.95 -41.70 -12.20
N LYS D 21 16.93 -40.43 -11.77
CA LYS D 21 16.50 -39.24 -12.56
C LYS D 21 17.71 -38.35 -12.85
N ILE D 22 17.72 -37.67 -14.00
CA ILE D 22 18.71 -36.57 -14.29
C ILE D 22 18.03 -35.20 -14.22
N GLY D 23 16.72 -35.13 -14.40
CA GLY D 23 16.01 -33.84 -14.40
C GLY D 23 16.01 -33.21 -15.80
N LEU D 24 15.57 -33.96 -16.83
CA LEU D 24 15.48 -33.52 -18.24
C LEU D 24 14.13 -33.91 -18.78
N ARG D 25 13.65 -33.10 -19.71
CA ARG D 25 12.71 -33.54 -20.77
C ARG D 25 13.31 -33.16 -22.13
N LEU D 26 13.10 -34.03 -23.11
CA LEU D 26 13.69 -33.98 -24.44
C LEU D 26 12.55 -33.90 -25.43
N LYS D 27 12.75 -33.20 -26.57
CA LYS D 27 11.71 -33.07 -27.60
C LYS D 27 12.33 -33.27 -28.99
N SER D 28 11.67 -34.08 -29.82
CA SER D 28 11.96 -34.29 -31.26
C SER D 28 11.54 -33.03 -32.01
N ILE D 29 12.50 -32.40 -32.68
CA ILE D 29 12.23 -31.24 -33.58
C ILE D 29 13.11 -31.41 -34.81
N ASP D 30 12.53 -31.45 -36.01
CA ASP D 30 13.29 -31.42 -37.28
C ASP D 30 14.34 -32.53 -37.28
N ASN D 31 13.99 -33.71 -36.76
CA ASN D 31 14.81 -34.94 -36.68
C ASN D 31 16.02 -34.73 -35.77
N GLY D 32 15.93 -33.73 -34.91
CA GLY D 32 16.88 -33.48 -33.81
C GLY D 32 16.25 -33.78 -32.48
N ILE D 33 17.06 -33.79 -31.41
CA ILE D 33 16.58 -33.92 -30.01
C ILE D 33 17.05 -32.67 -29.23
N PHE D 34 16.09 -31.99 -28.64
CA PHE D 34 16.28 -30.68 -27.96
C PHE D 34 15.77 -30.81 -26.50
N VAL D 35 16.37 -30.05 -25.60
CA VAL D 35 15.97 -29.97 -24.17
C VAL D 35 14.77 -29.01 -24.08
N GLN D 36 13.65 -29.58 -23.75
CA GLN D 36 12.37 -28.86 -23.47
C GLN D 36 12.32 -28.45 -21.97
N LEU D 37 13.07 -29.13 -21.12
CA LEU D 37 13.01 -28.79 -19.66
C LEU D 37 14.26 -29.25 -18.94
N VAL D 38 14.76 -28.36 -18.07
CA VAL D 38 15.85 -28.67 -17.13
C VAL D 38 15.24 -28.43 -15.76
N GLN D 39 15.24 -29.45 -14.91
CA GLN D 39 14.76 -29.35 -13.48
C GLN D 39 15.81 -28.63 -12.62
N ALA D 40 15.34 -27.62 -11.88
CA ALA D 40 16.06 -26.96 -10.75
C ALA D 40 16.71 -28.02 -9.85
N ASN D 41 18.03 -27.90 -9.62
CA ASN D 41 18.80 -28.68 -8.63
C ASN D 41 18.68 -30.16 -9.00
N SER D 42 18.92 -30.43 -10.27
CA SER D 42 18.90 -31.77 -10.87
C SER D 42 20.31 -32.05 -11.39
N PRO D 43 20.72 -33.31 -11.55
CA PRO D 43 22.05 -33.54 -12.14
C PRO D 43 22.23 -32.77 -13.47
N ALA D 44 21.17 -32.64 -14.27
CA ALA D 44 21.22 -31.92 -15.56
C ALA D 44 21.54 -30.44 -15.31
N SER D 45 20.79 -29.74 -14.46
CA SER D 45 21.10 -28.32 -14.11
C SER D 45 22.55 -28.22 -13.61
N LEU D 46 22.93 -29.08 -12.65
CA LEU D 46 24.26 -28.98 -11.98
C LEU D 46 25.38 -29.09 -13.03
N VAL D 47 25.24 -29.91 -14.08
CA VAL D 47 26.35 -30.00 -15.09
C VAL D 47 26.15 -28.95 -16.20
N GLY D 48 25.15 -28.08 -16.11
CA GLY D 48 25.02 -26.88 -16.98
C GLY D 48 24.25 -27.14 -18.28
N LEU D 49 23.34 -28.12 -18.32
CA LEU D 49 22.43 -28.30 -19.48
C LEU D 49 21.39 -27.20 -19.38
N ARG D 50 20.90 -26.77 -20.55
CA ARG D 50 19.94 -25.65 -20.64
C ARG D 50 18.81 -25.98 -21.60
N PHE D 51 17.67 -25.36 -21.31
CA PHE D 51 16.51 -25.21 -22.22
C PHE D 51 17.02 -24.81 -23.64
N GLY D 52 16.57 -25.55 -24.65
CA GLY D 52 16.93 -25.35 -26.08
C GLY D 52 18.25 -26.00 -26.50
N ASP D 53 19.04 -26.59 -25.58
CA ASP D 53 20.24 -27.35 -25.98
C ASP D 53 19.82 -28.49 -26.91
N GLN D 54 20.69 -28.78 -27.88
CA GLN D 54 20.56 -29.96 -28.76
C GLN D 54 21.44 -31.08 -28.21
N VAL D 55 20.87 -32.29 -28.17
CA VAL D 55 21.56 -33.55 -27.79
C VAL D 55 21.87 -34.30 -29.07
N LEU D 56 23.16 -34.39 -29.41
CA LEU D 56 23.72 -35.04 -30.62
C LEU D 56 23.84 -36.55 -30.39
N GLN D 57 24.53 -36.90 -29.31
CA GLN D 57 24.77 -38.31 -28.92
C GLN D 57 24.30 -38.45 -27.47
N ILE D 58 23.95 -39.66 -27.11
CA ILE D 58 23.81 -40.17 -25.70
C ILE D 58 24.59 -41.49 -25.63
N ASN D 59 25.56 -41.49 -24.73
CA ASN D 59 26.47 -42.63 -24.51
C ASN D 59 27.02 -43.04 -25.87
N GLY D 60 27.42 -42.06 -26.69
CA GLY D 60 28.04 -42.30 -28.00
C GLY D 60 27.06 -42.70 -29.09
N GLU D 61 25.75 -42.76 -28.84
CA GLU D 61 24.68 -43.13 -29.82
C GLU D 61 24.03 -41.86 -30.41
N ASN D 62 23.99 -41.72 -31.75
CA ASN D 62 23.43 -40.52 -32.42
C ASN D 62 21.91 -40.44 -32.14
N CYS D 63 21.38 -39.27 -31.78
CA CYS D 63 19.93 -39.04 -31.50
C CYS D 63 19.12 -38.75 -32.79
N ALA D 64 19.78 -38.57 -33.95
CA ALA D 64 19.11 -38.18 -35.20
C ALA D 64 17.88 -39.05 -35.46
N GLY D 65 16.71 -38.43 -35.67
CA GLY D 65 15.47 -39.14 -36.02
C GLY D 65 14.77 -39.80 -34.85
N TRP D 66 15.33 -39.77 -33.64
CA TRP D 66 14.64 -40.37 -32.46
C TRP D 66 13.34 -39.60 -32.20
N SER D 67 12.21 -40.28 -31.95
CA SER D 67 11.03 -39.68 -31.28
C SER D 67 11.45 -39.23 -29.87
N SER D 68 10.76 -38.28 -29.27
CA SER D 68 10.79 -37.91 -27.84
C SER D 68 10.77 -39.17 -26.95
N ASP D 69 9.73 -40.03 -27.09
CA ASP D 69 9.58 -41.36 -26.42
C ASP D 69 10.93 -42.10 -26.47
N LYS D 70 11.52 -42.26 -27.66
CA LYS D 70 12.77 -43.05 -27.75
C LYS D 70 13.89 -42.35 -26.96
N ALA D 71 14.03 -41.03 -27.02
CA ALA D 71 15.22 -40.40 -26.42
C ALA D 71 15.14 -40.63 -24.90
N HIS D 72 13.92 -40.43 -24.34
CA HIS D 72 13.52 -40.72 -22.94
C HIS D 72 13.82 -42.17 -22.62
N LYS D 73 13.32 -43.07 -23.45
CA LYS D 73 13.51 -44.51 -23.19
C LYS D 73 15.01 -44.78 -23.02
N VAL D 74 15.83 -44.28 -23.95
CA VAL D 74 17.31 -44.52 -23.93
C VAL D 74 17.90 -43.98 -22.62
N LEU D 75 17.42 -42.84 -22.12
CA LEU D 75 17.94 -42.21 -20.88
C LEU D 75 17.50 -43.07 -19.66
N LYS D 76 16.22 -43.48 -19.64
CA LYS D 76 15.68 -44.38 -18.60
C LYS D 76 16.50 -45.67 -18.52
N GLN D 77 16.73 -46.33 -19.67
CA GLN D 77 17.49 -47.62 -19.73
C GLN D 77 19.02 -47.51 -19.58
N ALA D 78 19.58 -46.29 -19.63
CA ALA D 78 21.03 -46.01 -19.47
C ALA D 78 21.50 -46.49 -18.09
N PHE D 79 22.19 -47.63 -18.08
CA PHE D 79 22.60 -48.35 -16.85
C PHE D 79 24.12 -48.23 -16.76
N GLY D 80 24.59 -47.46 -15.78
CA GLY D 80 26.02 -47.18 -15.55
C GLY D 80 26.19 -46.08 -14.52
N GLU D 81 27.45 -45.75 -14.18
CA GLU D 81 27.79 -44.71 -13.16
C GLU D 81 27.75 -43.33 -13.85
N LYS D 82 28.02 -43.29 -15.16
CA LYS D 82 28.14 -42.05 -15.98
C LYS D 82 27.27 -42.17 -17.25
N ILE D 83 26.56 -41.09 -17.59
CA ILE D 83 25.85 -40.89 -18.88
C ILE D 83 26.68 -39.84 -19.61
N THR D 84 27.16 -40.07 -20.81
CA THR D 84 27.82 -39.00 -21.60
C THR D 84 26.76 -38.49 -22.58
N MET D 85 26.62 -37.19 -22.69
CA MET D 85 25.77 -36.55 -23.73
C MET D 85 26.68 -35.61 -24.50
N THR D 86 26.53 -35.55 -25.82
CA THR D 86 27.24 -34.60 -26.69
C THR D 86 26.22 -33.53 -27.07
N ILE D 87 26.53 -32.26 -26.76
CA ILE D 87 25.59 -31.10 -26.74
C ILE D 87 26.07 -30.01 -27.72
N ARG D 88 25.11 -29.46 -28.46
CA ARG D 88 25.27 -28.19 -29.20
C ARG D 88 24.49 -27.16 -28.40
N ASP D 89 25.13 -26.02 -28.11
CA ASP D 89 24.59 -24.95 -27.23
C ASP D 89 23.43 -24.26 -27.93
N ARG D 90 22.22 -24.40 -27.36
CA ARG D 90 21.02 -23.58 -27.67
C ARG D 90 20.99 -23.07 -29.12
N PRO D 91 20.96 -23.99 -30.12
CA PRO D 91 21.14 -23.61 -31.52
C PRO D 91 19.95 -22.85 -32.14
N PHE D 92 18.75 -22.92 -31.57
CA PHE D 92 17.60 -22.15 -32.07
C PHE D 92 17.53 -20.74 -31.46
N GLU D 93 18.46 -20.34 -30.58
CA GLU D 93 18.33 -19.07 -29.82
C GLU D 93 19.48 -18.12 -30.11
N ARG D 94 19.28 -16.84 -29.84
CA ARG D 94 20.40 -15.86 -29.91
C ARG D 94 20.29 -14.91 -28.73
N THR D 95 21.41 -14.24 -28.45
CA THR D 95 21.38 -13.20 -27.39
C THR D 95 21.65 -11.81 -27.96
N ILE D 96 20.87 -10.85 -27.49
CA ILE D 96 20.91 -9.41 -27.86
C ILE D 96 21.32 -8.68 -26.56
N THR D 97 22.42 -7.92 -26.61
CA THR D 97 22.91 -7.09 -25.47
C THR D 97 22.37 -5.68 -25.66
N MET D 98 21.76 -5.12 -24.62
CA MET D 98 21.16 -3.77 -24.60
C MET D 98 21.69 -2.99 -23.37
N HIS D 99 21.42 -1.69 -23.34
CA HIS D 99 21.78 -0.71 -22.29
C HIS D 99 20.47 -0.03 -21.88
N LYS D 100 20.13 -0.12 -20.60
CA LYS D 100 18.97 0.59 -20.02
C LYS D 100 19.12 2.12 -20.20
N ASP D 101 18.02 2.78 -20.53
CA ASP D 101 17.99 4.25 -20.63
C ASP D 101 17.97 4.82 -19.20
N SER D 102 17.61 6.11 -19.08
CA SER D 102 17.61 6.88 -17.81
C SER D 102 16.46 6.42 -16.85
N THR D 103 15.38 5.86 -17.39
CA THR D 103 14.25 5.26 -16.64
C THR D 103 14.47 3.77 -16.34
N GLY D 104 15.62 3.18 -16.70
CA GLY D 104 15.93 1.74 -16.53
C GLY D 104 15.24 0.79 -17.54
N HIS D 105 14.74 1.30 -18.67
CA HIS D 105 14.11 0.54 -19.81
C HIS D 105 15.07 0.42 -20.98
N VAL D 106 14.86 -0.63 -21.77
CA VAL D 106 15.68 -0.91 -22.97
C VAL D 106 14.81 -0.82 -24.23
N GLY D 107 13.47 -0.68 -24.13
CA GLY D 107 12.62 -0.26 -25.26
C GLY D 107 11.92 -1.40 -25.97
N PHE D 108 11.09 -2.18 -25.28
CA PHE D 108 10.19 -3.15 -25.95
C PHE D 108 8.98 -3.53 -25.11
N ILE D 109 7.89 -3.90 -25.79
CA ILE D 109 6.64 -4.48 -25.24
C ILE D 109 6.69 -6.00 -25.41
N PHE D 110 6.28 -6.76 -24.39
CA PHE D 110 6.16 -8.23 -24.47
C PHE D 110 4.88 -8.70 -23.79
N LYS D 111 4.39 -9.83 -24.27
CA LYS D 111 3.16 -10.49 -23.78
C LYS D 111 3.35 -12.00 -23.88
N ASN D 112 3.10 -12.71 -22.79
CA ASN D 112 3.16 -14.18 -22.77
C ASN D 112 4.60 -14.57 -23.06
N GLY D 113 5.54 -13.76 -22.55
CA GLY D 113 6.99 -13.84 -22.85
C GLY D 113 7.39 -13.53 -24.32
N LYS D 114 6.43 -13.17 -25.18
CA LYS D 114 6.68 -12.93 -26.64
C LYS D 114 6.82 -11.44 -26.92
N ILE D 115 7.94 -11.00 -27.52
CA ILE D 115 8.15 -9.58 -27.91
C ILE D 115 7.15 -9.20 -29.01
N THR D 116 6.40 -8.11 -28.81
CA THR D 116 5.28 -7.70 -29.68
C THR D 116 5.51 -6.32 -30.29
N SER D 117 6.29 -5.43 -29.69
CA SER D 117 6.68 -4.17 -30.35
C SER D 117 8.02 -3.68 -29.80
N ILE D 118 8.64 -2.81 -30.60
CA ILE D 118 10.01 -2.26 -30.41
C ILE D 118 9.82 -0.75 -30.38
N VAL D 119 10.35 -0.12 -29.34
CA VAL D 119 10.23 1.34 -29.12
C VAL D 119 11.23 2.03 -30.07
N LYS D 120 10.75 3.06 -30.77
CA LYS D 120 11.56 3.93 -31.67
C LYS D 120 12.75 4.51 -30.90
N ASP D 121 13.95 4.38 -31.48
CA ASP D 121 15.22 4.97 -30.95
C ASP D 121 15.49 4.49 -29.51
N SER D 122 15.10 3.25 -29.21
CA SER D 122 15.52 2.53 -28.00
C SER D 122 16.80 1.74 -28.30
N SER D 123 17.42 1.27 -27.22
CA SER D 123 18.50 0.26 -27.20
C SER D 123 18.00 -1.04 -27.86
N ALA D 124 16.73 -1.39 -27.65
CA ALA D 124 16.15 -2.56 -28.34
C ALA D 124 16.23 -2.30 -29.86
N ALA D 125 15.78 -1.13 -30.30
CA ALA D 125 15.79 -0.72 -31.75
C ALA D 125 17.23 -0.81 -32.26
N ARG D 126 18.17 -0.08 -31.63
CA ARG D 126 19.60 0.00 -32.04
C ARG D 126 20.25 -1.39 -32.10
N ASN D 127 19.90 -2.32 -31.23
CA ASN D 127 20.59 -3.63 -31.17
C ASN D 127 19.82 -4.65 -32.00
N GLY D 128 18.74 -4.20 -32.68
CA GLY D 128 17.93 -4.99 -33.62
C GLY D 128 17.18 -6.14 -32.99
N LEU D 129 16.62 -5.92 -31.80
CA LEU D 129 15.68 -6.90 -31.22
C LEU D 129 14.49 -7.07 -32.18
N LEU D 130 13.94 -8.26 -32.26
CA LEU D 130 12.87 -8.60 -33.22
C LEU D 130 11.58 -8.87 -32.47
N THR D 131 10.45 -8.81 -33.18
CA THR D 131 9.15 -9.25 -32.63
C THR D 131 8.92 -10.70 -33.03
N GLU D 132 7.76 -11.22 -32.63
CA GLU D 132 7.40 -12.64 -32.81
C GLU D 132 8.54 -13.53 -32.30
N HIS D 133 9.14 -13.15 -31.19
CA HIS D 133 10.27 -13.88 -30.58
C HIS D 133 10.04 -14.04 -29.06
N ASN D 134 10.28 -15.23 -28.55
CA ASN D 134 10.01 -15.57 -27.14
C ASN D 134 11.27 -15.35 -26.33
N ILE D 135 11.14 -14.73 -25.14
CA ILE D 135 12.27 -14.54 -24.21
C ILE D 135 12.52 -15.86 -23.52
N CYS D 136 13.75 -16.34 -23.66
CA CYS D 136 14.20 -17.61 -23.08
C CYS D 136 15.01 -17.32 -21.81
N GLU D 137 15.80 -16.25 -21.79
CA GLU D 137 16.82 -16.08 -20.72
C GLU D 137 17.08 -14.59 -20.57
N ILE D 138 17.39 -14.17 -19.34
CA ILE D 138 17.72 -12.76 -19.03
C ILE D 138 19.01 -12.84 -18.28
N ASN D 139 20.09 -12.34 -18.90
CA ASN D 139 21.45 -12.48 -18.34
C ASN D 139 21.76 -13.95 -18.05
N GLY D 140 21.35 -14.85 -18.94
CA GLY D 140 21.69 -16.27 -18.81
C GLY D 140 20.75 -16.98 -17.84
N GLN D 141 19.75 -16.26 -17.25
CA GLN D 141 18.76 -16.92 -16.38
C GLN D 141 17.49 -17.25 -17.16
N ASN D 142 17.14 -18.53 -17.17
CA ASN D 142 15.91 -19.16 -17.73
C ASN D 142 14.69 -18.52 -17.06
N VAL D 143 13.82 -17.87 -17.85
CA VAL D 143 12.52 -17.26 -17.46
C VAL D 143 11.34 -17.98 -18.13
N ILE D 144 11.54 -19.20 -18.60
CA ILE D 144 10.43 -19.87 -19.32
C ILE D 144 9.42 -20.42 -18.34
N GLY D 145 8.14 -20.13 -18.62
CA GLY D 145 7.03 -20.50 -17.73
C GLY D 145 6.70 -19.41 -16.72
N LEU D 146 7.60 -18.44 -16.46
CA LEU D 146 7.31 -17.32 -15.54
C LEU D 146 6.22 -16.39 -16.08
N LYS D 147 5.46 -15.76 -15.19
CA LYS D 147 4.47 -14.68 -15.47
C LYS D 147 5.23 -13.47 -16.02
N ASP D 148 4.58 -12.63 -16.83
CA ASP D 148 5.20 -11.44 -17.45
C ASP D 148 5.73 -10.53 -16.36
N SER D 149 5.03 -10.48 -15.24
CA SER D 149 5.34 -9.49 -14.18
C SER D 149 6.63 -9.95 -13.51
N GLN D 150 6.86 -11.25 -13.46
CA GLN D 150 8.13 -11.82 -12.93
C GLN D 150 9.27 -11.55 -13.94
N ILE D 151 8.96 -11.59 -15.23
CA ILE D 151 9.97 -11.32 -16.30
C ILE D 151 10.32 -9.84 -16.18
N ALA D 152 9.31 -8.97 -16.07
CA ALA D 152 9.50 -7.52 -15.82
C ALA D 152 10.41 -7.31 -14.60
N ASP D 153 10.14 -8.03 -13.51
CA ASP D 153 10.88 -7.91 -12.21
C ASP D 153 12.36 -8.29 -12.45
N ILE D 154 12.61 -9.40 -13.15
CA ILE D 154 13.99 -9.92 -13.43
C ILE D 154 14.77 -8.91 -14.28
N LEU D 155 14.12 -8.29 -15.28
CA LEU D 155 14.73 -7.24 -16.16
C LEU D 155 15.13 -6.05 -15.29
N SER D 156 14.24 -5.60 -14.40
CA SER D 156 14.49 -4.36 -13.63
C SER D 156 15.66 -4.60 -12.67
N THR D 157 15.87 -5.81 -12.16
CA THR D 157 17.03 -6.11 -11.25
C THR D 157 18.33 -6.39 -12.01
N SER D 158 18.30 -6.41 -13.34
CA SER D 158 19.55 -6.41 -14.14
C SER D 158 20.33 -5.13 -13.83
N GLY D 159 21.65 -5.18 -13.95
CA GLY D 159 22.47 -3.97 -14.18
C GLY D 159 22.18 -3.29 -15.53
N THR D 160 22.80 -2.15 -15.76
CA THR D 160 22.65 -1.32 -16.99
C THR D 160 22.72 -2.22 -18.24
N VAL D 161 23.73 -3.09 -18.29
CA VAL D 161 23.95 -4.04 -19.40
C VAL D 161 23.00 -5.22 -19.20
N VAL D 162 22.00 -5.32 -20.08
CA VAL D 162 20.94 -6.39 -20.09
C VAL D 162 21.19 -7.26 -21.33
N THR D 163 21.39 -8.57 -21.17
CA THR D 163 21.41 -9.52 -22.29
C THR D 163 20.10 -10.31 -22.22
N ILE D 164 19.42 -10.46 -23.37
CA ILE D 164 18.21 -11.33 -23.48
C ILE D 164 18.51 -12.42 -24.52
N THR D 165 18.09 -13.64 -24.21
CA THR D 165 18.18 -14.79 -25.11
C THR D 165 16.79 -14.96 -25.72
N ILE D 166 16.71 -14.91 -27.07
CA ILE D 166 15.41 -14.97 -27.80
C ILE D 166 15.38 -16.20 -28.73
N MET D 167 14.14 -16.59 -29.04
CA MET D 167 13.82 -17.72 -29.93
C MET D 167 12.61 -17.34 -30.77
N PRO D 168 12.65 -17.58 -32.12
CA PRO D 168 11.50 -17.30 -32.96
C PRO D 168 10.30 -18.04 -32.39
N ALA D 169 9.09 -17.45 -32.50
CA ALA D 169 7.87 -17.83 -31.77
C ALA D 169 7.40 -19.21 -32.21
N PHE D 170 7.42 -19.48 -33.52
N PHE D 170 7.48 -19.48 -33.52
CA PHE D 170 6.99 -20.78 -34.12
CA PHE D 170 7.00 -20.74 -34.14
C PHE D 170 7.85 -21.90 -33.56
C PHE D 170 7.90 -21.92 -33.73
N ILE D 171 9.15 -21.65 -33.34
CA ILE D 171 10.07 -22.74 -32.87
C ILE D 171 9.79 -22.97 -31.36
N PHE D 172 9.70 -21.89 -30.60
CA PHE D 172 9.37 -21.95 -29.15
C PHE D 172 8.07 -22.75 -28.99
N GLU D 173 7.02 -22.39 -29.70
CA GLU D 173 5.71 -23.05 -29.62
C GLU D 173 5.94 -24.54 -29.82
N HIS D 174 6.78 -24.93 -30.78
CA HIS D 174 7.01 -26.35 -31.13
C HIS D 174 7.74 -27.01 -29.99
N ILE D 175 8.75 -26.35 -29.37
CA ILE D 175 9.66 -26.95 -28.36
C ILE D 175 8.82 -27.27 -27.09
N ILE D 176 7.87 -26.42 -26.71
CA ILE D 176 7.13 -26.62 -25.43
C ILE D 176 5.93 -27.58 -25.66
N LYS D 177 5.67 -28.05 -26.88
CA LYS D 177 4.57 -29.05 -27.08
C LYS D 177 4.82 -30.37 -26.35
N ARG D 178 3.73 -31.09 -26.04
CA ARG D 178 3.81 -32.37 -25.28
C ARG D 178 4.58 -32.15 -23.96
N MET D 179 4.25 -31.08 -23.24
CA MET D 179 4.79 -30.73 -21.90
C MET D 179 3.65 -29.95 -21.25
N ALA D 180 3.27 -30.40 -20.05
CA ALA D 180 2.14 -29.84 -19.27
C ALA D 180 2.57 -28.49 -18.73
N PRO D 181 1.78 -27.42 -18.98
CA PRO D 181 2.04 -26.12 -18.36
C PRO D 181 2.56 -26.25 -16.93
N SER D 182 1.97 -27.17 -16.16
CA SER D 182 2.09 -27.19 -14.69
C SER D 182 3.46 -27.76 -14.33
N ILE D 183 3.97 -28.59 -15.23
CA ILE D 183 5.35 -29.15 -15.08
C ILE D 183 6.35 -28.03 -15.35
N MET D 184 6.18 -27.33 -16.49
CA MET D 184 7.05 -26.22 -16.97
C MET D 184 7.12 -25.17 -15.87
N LYS D 185 5.93 -24.86 -15.30
CA LYS D 185 5.73 -23.86 -14.23
C LYS D 185 6.36 -24.34 -12.91
N SER D 186 6.30 -25.63 -12.56
CA SER D 186 6.85 -26.15 -11.27
C SER D 186 8.31 -26.61 -11.41
N LEU D 187 8.77 -27.23 -12.52
CA LEU D 187 10.05 -28.00 -12.48
C LEU D 187 11.19 -27.17 -13.08
N MET D 188 10.86 -26.13 -13.88
CA MET D 188 11.87 -25.46 -14.77
C MET D 188 12.93 -24.76 -13.91
N ASP D 189 14.20 -25.13 -14.15
CA ASP D 189 15.40 -24.43 -13.62
C ASP D 189 15.35 -22.91 -13.88
N HIS D 190 15.37 -22.08 -12.81
CA HIS D 190 15.42 -20.59 -12.87
C HIS D 190 16.60 -20.09 -12.08
N THR D 191 17.56 -20.97 -11.80
CA THR D 191 18.71 -20.71 -10.89
C THR D 191 19.61 -19.64 -11.50
N ILE D 192 20.19 -18.83 -10.63
CA ILE D 192 21.28 -17.86 -10.98
C ILE D 192 22.51 -18.35 -10.24
N PRO D 193 23.74 -18.06 -10.73
CA PRO D 193 24.96 -18.52 -10.06
C PRO D 193 25.15 -17.88 -8.68
N GLU D 194 24.75 -16.62 -8.52
CA GLU D 194 24.81 -15.84 -7.25
C GLU D 194 23.86 -14.64 -7.37
N VAL D 195 23.77 -13.84 -6.29
CA VAL D 195 23.06 -12.53 -6.30
C VAL D 195 24.09 -11.39 -6.11
#